data_9FCH
#
_entry.id   9FCH
#
_entity_poly.entity_id   1
_entity_poly.type   'polypeptide(L)'
_entity_poly.pdbx_seq_one_letter_code
;GVDVFEAQKNLVGKGKYLNTHVKAEDVKKDVNANIKNQFDIAKIIAELMGKALKEFGNQQEGQPLSFLKVMDKVKEDFEK
LFNLVRPGLGKFVKDLIQSSSQAENKITVYKLIFDNKKTILNLLKELSIPELNSSLGLVDVLFDGITDSDGLYERLQSFK
DLIVPAVKTNEKTAALSPLIEELLTQKDTYVFDLIQKHKGILTNLLKNFLADFQKSTPFMADQVAIFTELFDNEGAFDLF
GEADFVDKIAELFLTKRTVKNGEKIETKDSLLVTSLKSLLGEKVAALGDLLDSYIFKNELLNRSVEVAKAEAKDTKGATD
YKKEQAKALKKLFKHIGENTLSKTNLDKITLKEVKNTENVELEETETTLKVKKLDVEYKVELGNFEIKNGLIKAMLEFLP
DTKDLETTLDKLLFKGESYKAMKDKYIKEGFPGYGWAKGVVPGAFESIENTFKSAIDKTKSIRDLFGDMLFGNDLSSVKE
TDSFITLGGSFDIKYGGENLNVLPAYYSLINSEIGYQIIGVDTTIDATKVKVELKNKEYKGKSPAINGQVKLSQSFFNVW
TNMFDSITKQIFQ
;
_entity_poly.pdbx_strand_id   A,B
#
# COMPACT_ATOMS: atom_id res chain seq x y z
N GLY A 1 -53.22 49.10 24.84
CA GLY A 1 -52.65 49.47 23.57
C GLY A 1 -52.83 48.39 22.53
N VAL A 2 -52.00 48.45 21.50
CA VAL A 2 -52.07 47.55 20.36
C VAL A 2 -50.73 46.83 20.25
N ASP A 3 -50.77 45.50 20.20
CA ASP A 3 -49.57 44.71 20.46
C ASP A 3 -48.45 44.88 19.43
N VAL A 4 -48.58 44.26 18.25
CA VAL A 4 -47.57 44.42 17.21
C VAL A 4 -48.23 44.64 15.86
N PHE A 5 -49.44 44.11 15.69
CA PHE A 5 -50.10 44.09 14.40
C PHE A 5 -51.37 44.92 14.35
N GLU A 6 -52.10 45.05 15.45
CA GLU A 6 -53.12 46.09 15.52
C GLU A 6 -52.49 47.47 15.48
N ALA A 7 -51.21 47.58 15.84
CA ALA A 7 -50.49 48.84 15.66
C ALA A 7 -50.27 49.14 14.19
N GLN A 8 -49.98 48.12 13.38
CA GLN A 8 -49.75 48.34 11.96
C GLN A 8 -51.11 48.32 11.26
N LYS A 9 -52.06 49.05 11.83
CA LYS A 9 -53.35 49.36 11.23
C LYS A 9 -53.64 50.85 11.27
N ASN A 10 -53.21 51.54 12.33
CA ASN A 10 -53.33 52.98 12.44
C ASN A 10 -51.98 53.68 12.32
N LEU A 11 -50.90 52.94 12.11
CA LEU A 11 -49.58 53.53 11.98
C LEU A 11 -49.13 53.68 10.54
N VAL A 12 -49.60 52.80 9.65
CA VAL A 12 -49.29 52.90 8.22
C VAL A 12 -50.60 52.99 7.45
N GLY A 13 -50.52 53.54 6.25
CA GLY A 13 -51.70 53.70 5.42
C GLY A 13 -51.49 54.61 4.23
N LYS A 14 -52.44 55.53 4.01
CA LYS A 14 -52.31 56.51 2.93
C LYS A 14 -51.68 57.80 3.44
N GLY A 15 -52.30 58.41 4.45
CA GLY A 15 -51.76 59.61 5.05
C GLY A 15 -51.62 59.48 6.55
N LYS A 16 -51.30 58.27 7.00
CA LYS A 16 -51.20 57.98 8.42
C LYS A 16 -49.76 58.19 8.88
N TYR A 17 -49.44 57.72 10.09
CA TYR A 17 -48.22 58.16 10.77
C TYR A 17 -46.97 57.80 9.98
N LEU A 18 -46.74 56.51 9.75
CA LEU A 18 -45.46 56.09 9.19
C LEU A 18 -45.25 56.64 7.79
N ASN A 19 -46.29 56.64 6.97
CA ASN A 19 -46.15 57.12 5.60
C ASN A 19 -45.82 58.60 5.55
N THR A 20 -46.46 59.41 6.38
CA THR A 20 -46.23 60.84 6.38
C THR A 20 -45.02 61.25 7.20
N HIS A 21 -44.45 60.34 8.00
CA HIS A 21 -43.28 60.63 8.81
C HIS A 21 -42.01 59.98 8.28
N VAL A 22 -42.09 59.26 7.17
CA VAL A 22 -40.92 58.64 6.54
C VAL A 22 -40.86 59.13 5.10
N LYS A 23 -39.73 59.74 4.73
CA LYS A 23 -39.57 60.36 3.43
C LYS A 23 -38.62 59.54 2.56
N ALA A 24 -38.76 59.70 1.25
CA ALA A 24 -37.91 58.98 0.31
C ALA A 24 -36.44 59.33 0.50
N GLU A 25 -36.14 60.62 0.66
CA GLU A 25 -34.77 61.02 0.96
C GLU A 25 -34.32 60.46 2.30
N ASP A 26 -35.23 60.42 3.28
CA ASP A 26 -34.90 59.82 4.56
C ASP A 26 -34.60 58.34 4.42
N VAL A 27 -35.40 57.62 3.62
CA VAL A 27 -35.14 56.21 3.40
C VAL A 27 -33.78 56.01 2.75
N LYS A 28 -33.47 56.82 1.73
CA LYS A 28 -32.18 56.68 1.06
C LYS A 28 -31.02 56.95 2.00
N LYS A 29 -31.12 58.02 2.79
CA LYS A 29 -30.01 58.36 3.68
C LYS A 29 -29.86 57.32 4.79
N ASP A 30 -30.96 56.78 5.31
CA ASP A 30 -30.85 55.75 6.34
C ASP A 30 -30.32 54.45 5.78
N VAL A 31 -30.70 54.10 4.55
CA VAL A 31 -30.17 52.89 3.94
C VAL A 31 -28.67 53.01 3.70
N ASN A 32 -28.23 54.15 3.19
CA ASN A 32 -26.80 54.37 3.01
C ASN A 32 -26.07 54.36 4.35
N ALA A 33 -26.63 55.05 5.34
CA ALA A 33 -26.00 55.12 6.65
C ALA A 33 -25.99 53.76 7.35
N ASN A 34 -26.89 52.85 7.00
CA ASN A 34 -26.83 51.51 7.57
C ASN A 34 -25.53 50.82 7.20
N ILE A 35 -25.20 50.79 5.91
CA ILE A 35 -23.95 50.20 5.48
C ILE A 35 -22.77 51.00 6.01
N LYS A 36 -22.86 52.33 5.95
CA LYS A 36 -21.76 53.16 6.41
C LYS A 36 -21.46 52.93 7.89
N ASN A 37 -22.50 52.85 8.72
CA ASN A 37 -22.32 52.65 10.15
C ASN A 37 -21.88 51.22 10.46
N GLN A 38 -22.37 50.24 9.71
CA GLN A 38 -21.90 48.87 9.93
C GLN A 38 -20.40 48.78 9.64
N PHE A 39 -19.96 49.37 8.52
CA PHE A 39 -18.54 49.39 8.20
C PHE A 39 -17.75 50.17 9.25
N ASP A 40 -18.28 51.30 9.70
CA ASP A 40 -17.58 52.12 10.68
C ASP A 40 -17.44 51.41 12.01
N ILE A 41 -18.51 50.75 12.49
CA ILE A 41 -18.40 50.02 13.75
C ILE A 41 -17.49 48.81 13.60
N ALA A 42 -17.49 48.16 12.43
CA ALA A 42 -16.54 47.07 12.22
C ALA A 42 -15.11 47.58 12.28
N LYS A 43 -14.83 48.72 11.64
CA LYS A 43 -13.49 49.27 11.68
C LYS A 43 -13.09 49.72 13.09
N ILE A 44 -14.03 50.31 13.82
CA ILE A 44 -13.72 50.76 15.19
C ILE A 44 -13.51 49.57 16.11
N ILE A 45 -14.27 48.50 15.91
CA ILE A 45 -14.04 47.27 16.67
C ILE A 45 -12.67 46.71 16.36
N ALA A 46 -12.31 46.68 15.08
CA ALA A 46 -11.01 46.12 14.68
C ALA A 46 -9.86 46.94 15.23
N GLU A 47 -9.99 48.27 15.21
CA GLU A 47 -8.95 49.11 15.78
C GLU A 47 -8.93 49.04 17.31
N LEU A 48 -10.09 48.82 17.93
CA LEU A 48 -10.17 48.74 19.37
C LEU A 48 -9.35 47.58 19.91
N MET A 49 -9.58 46.38 19.37
CA MET A 49 -8.68 45.25 19.64
C MET A 49 -7.54 45.38 18.63
N GLY A 50 -6.49 46.06 19.06
CA GLY A 50 -5.44 46.51 18.16
C GLY A 50 -4.91 47.83 18.65
N LYS A 51 -5.72 48.48 19.50
CA LYS A 51 -5.27 49.58 20.34
C LYS A 51 -5.17 49.17 21.79
N ALA A 52 -6.13 48.39 22.28
CA ALA A 52 -6.00 47.74 23.59
C ALA A 52 -5.07 46.55 23.55
N LEU A 53 -5.06 45.81 22.43
CA LEU A 53 -4.17 44.66 22.31
C LEU A 53 -2.71 45.10 22.30
N LYS A 54 -2.40 46.25 21.71
CA LYS A 54 -1.04 46.75 21.73
C LYS A 54 -0.59 47.05 23.15
N GLU A 55 -1.47 47.67 23.95
CA GLU A 55 -1.14 47.94 25.35
C GLU A 55 -0.99 46.64 26.13
N PHE A 56 -1.84 45.64 25.84
CA PHE A 56 -1.70 44.35 26.48
C PHE A 56 -0.35 43.73 26.18
N GLY A 57 0.03 43.69 24.89
CA GLY A 57 1.26 43.03 24.52
C GLY A 57 2.51 43.76 25.00
N ASN A 58 2.50 45.09 24.92
CA ASN A 58 3.69 45.88 25.25
C ASN A 58 3.95 45.94 26.75
N GLN A 59 3.04 45.45 27.58
CA GLN A 59 3.26 45.50 29.03
C GLN A 59 4.41 44.60 29.43
N GLN A 60 5.26 45.11 30.32
CA GLN A 60 6.41 44.35 30.77
C GLN A 60 5.99 43.19 31.65
N GLU A 61 6.84 42.17 31.71
CA GLU A 61 6.54 41.00 32.52
C GLU A 61 6.62 41.36 34.00
N GLY A 62 5.67 40.82 34.77
CA GLY A 62 5.61 41.09 36.19
C GLY A 62 4.88 42.35 36.58
N GLN A 63 4.45 43.16 35.62
CA GLN A 63 3.69 44.37 35.90
C GLN A 63 2.24 44.15 35.53
N PRO A 64 1.34 43.98 36.50
CA PRO A 64 -0.06 43.70 36.16
C PRO A 64 -0.71 44.86 35.42
N LEU A 65 -1.57 44.52 34.48
CA LEU A 65 -2.35 45.50 33.73
C LEU A 65 -3.76 44.94 33.58
N SER A 66 -4.72 45.55 34.27
CA SER A 66 -6.05 44.99 34.34
C SER A 66 -6.78 45.16 33.00
N PHE A 67 -7.93 44.48 32.90
CA PHE A 67 -8.77 44.63 31.72
C PHE A 67 -9.35 46.02 31.59
N LEU A 68 -9.43 46.78 32.68
CA LEU A 68 -10.05 48.09 32.68
C LEU A 68 -9.05 49.24 32.70
N LYS A 69 -7.85 49.01 33.23
CA LYS A 69 -6.82 50.04 33.15
C LYS A 69 -6.44 50.31 31.71
N VAL A 70 -6.47 49.29 30.86
CA VAL A 70 -6.30 49.49 29.43
C VAL A 70 -7.57 50.00 28.77
N MET A 71 -8.73 49.77 29.38
CA MET A 71 -9.97 50.26 28.79
C MET A 71 -9.97 51.78 28.70
N ASP A 72 -9.38 52.44 29.71
CA ASP A 72 -9.27 53.89 29.68
C ASP A 72 -8.43 54.37 28.51
N LYS A 73 -7.33 53.67 28.24
CA LYS A 73 -6.46 54.06 27.14
C LYS A 73 -7.16 54.03 25.80
N VAL A 74 -8.29 53.31 25.70
CA VAL A 74 -9.10 53.28 24.49
C VAL A 74 -10.53 53.75 24.78
N LYS A 75 -10.75 54.43 25.91
CA LYS A 75 -12.11 54.73 26.34
C LYS A 75 -12.86 55.52 25.27
N GLU A 76 -12.21 56.56 24.71
CA GLU A 76 -12.87 57.38 23.70
C GLU A 76 -13.32 56.53 22.52
N ASP A 77 -12.47 55.57 22.11
CA ASP A 77 -12.85 54.70 21.00
C ASP A 77 -14.15 53.99 21.30
N PHE A 78 -14.27 53.45 22.52
CA PHE A 78 -15.53 52.82 22.91
C PHE A 78 -16.69 53.77 22.70
N GLU A 79 -16.54 55.01 23.18
CA GLU A 79 -17.58 56.01 22.96
C GLU A 79 -17.90 56.11 21.48
N LYS A 80 -16.88 56.30 20.64
CA LYS A 80 -17.10 56.36 19.21
C LYS A 80 -17.86 55.12 18.75
N LEU A 81 -17.36 53.94 19.11
CA LEU A 81 -18.04 52.71 18.75
C LEU A 81 -19.50 52.78 19.14
N PHE A 82 -19.74 53.11 20.40
CA PHE A 82 -21.10 53.05 20.90
C PHE A 82 -21.87 54.33 20.64
N ASN A 83 -21.23 55.35 20.07
CA ASN A 83 -22.00 56.45 19.51
C ASN A 83 -22.30 56.22 18.03
N LEU A 84 -21.85 55.10 17.48
CA LEU A 84 -22.23 54.69 16.13
C LEU A 84 -23.19 53.51 16.12
N VAL A 85 -23.12 52.65 17.14
CA VAL A 85 -24.08 51.56 17.26
C VAL A 85 -25.47 52.11 17.56
N ARG A 86 -25.56 53.05 18.50
CA ARG A 86 -26.81 53.69 18.84
C ARG A 86 -26.56 55.14 19.21
N PRO A 87 -27.19 56.09 18.51
CA PRO A 87 -27.01 57.51 18.85
C PRO A 87 -27.29 57.78 20.31
N GLY A 88 -26.42 58.58 20.93
CA GLY A 88 -26.55 58.95 22.32
C GLY A 88 -25.89 58.00 23.29
N LEU A 89 -25.51 56.80 22.85
CA LEU A 89 -24.84 55.84 23.72
C LEU A 89 -23.34 56.02 23.66
N GLY A 90 -22.90 57.27 23.78
CA GLY A 90 -21.48 57.57 23.70
C GLY A 90 -20.90 57.89 25.05
N LYS A 91 -21.63 58.66 25.84
CA LYS A 91 -21.17 58.97 27.19
C LYS A 91 -21.37 57.81 28.14
N PHE A 92 -22.36 56.96 27.90
CA PHE A 92 -22.68 55.91 28.85
C PHE A 92 -21.56 54.87 28.95
N VAL A 93 -21.09 54.36 27.82
CA VAL A 93 -20.06 53.32 27.85
C VAL A 93 -18.72 53.90 28.29
N LYS A 94 -18.39 55.10 27.83
CA LYS A 94 -17.15 55.75 28.26
C LYS A 94 -17.18 56.05 29.75
N ASP A 95 -18.36 56.30 30.32
CA ASP A 95 -18.49 56.45 31.76
C ASP A 95 -18.45 55.09 32.46
N LEU A 96 -19.05 54.08 31.85
CA LEU A 96 -19.13 52.76 32.45
C LEU A 96 -17.75 52.15 32.64
N ILE A 97 -16.90 52.25 31.61
CA ILE A 97 -15.58 51.65 31.73
C ILE A 97 -14.64 52.49 32.58
N GLN A 98 -15.07 53.67 33.03
CA GLN A 98 -14.33 54.45 34.01
C GLN A 98 -14.87 54.28 35.42
N SER A 99 -15.91 53.48 35.60
CA SER A 99 -16.50 53.26 36.93
C SER A 99 -15.92 51.99 37.53
N SER A 100 -14.66 52.09 37.94
CA SER A 100 -13.95 50.99 38.57
C SER A 100 -12.77 51.55 39.35
N SER A 101 -12.28 50.76 40.30
CA SER A 101 -11.12 51.19 41.07
C SER A 101 -9.87 51.26 40.21
N GLN A 102 -9.81 50.48 39.14
CA GLN A 102 -8.64 50.48 38.25
C GLN A 102 -8.66 51.64 37.26
N ALA A 103 -9.77 52.33 37.11
CA ALA A 103 -9.82 53.47 36.20
C ALA A 103 -9.00 54.63 36.75
N GLU A 104 -8.43 55.41 35.83
CA GLU A 104 -7.62 56.55 36.22
C GLU A 104 -8.45 57.60 36.94
N ASN A 105 -9.65 57.89 36.43
CA ASN A 105 -10.55 58.88 37.01
C ASN A 105 -11.85 58.18 37.39
N LYS A 106 -12.00 57.87 38.67
CA LYS A 106 -13.19 57.17 39.15
C LYS A 106 -14.41 58.07 39.05
N ILE A 107 -15.54 57.49 38.65
CA ILE A 107 -16.82 58.16 38.69
C ILE A 107 -17.83 57.21 39.33
N THR A 108 -18.68 57.76 40.20
CA THR A 108 -19.58 56.93 40.97
C THR A 108 -20.68 56.35 40.10
N VAL A 109 -21.39 55.37 40.64
CA VAL A 109 -22.53 54.79 39.93
C VAL A 109 -23.63 55.83 39.75
N TYR A 110 -23.80 56.70 40.74
CA TYR A 110 -24.81 57.75 40.63
C TYR A 110 -24.48 58.74 39.52
N LYS A 111 -23.20 59.10 39.39
CA LYS A 111 -22.79 59.94 38.26
C LYS A 111 -23.00 59.21 36.95
N LEU A 112 -22.74 57.89 36.93
CA LEU A 112 -22.96 57.09 35.73
C LEU A 112 -24.44 57.05 35.35
N ILE A 113 -25.33 57.11 36.33
CA ILE A 113 -26.74 56.86 36.10
C ILE A 113 -27.50 58.14 35.81
N PHE A 114 -27.30 59.18 36.62
CA PHE A 114 -28.08 60.40 36.45
C PHE A 114 -27.78 61.09 35.12
N ASP A 115 -26.51 61.11 34.72
CA ASP A 115 -26.12 61.83 33.51
C ASP A 115 -26.81 61.28 32.28
N ASN A 116 -26.52 60.03 31.92
CA ASN A 116 -27.14 59.39 30.77
C ASN A 116 -28.33 58.53 31.19
N LYS A 117 -29.29 59.17 31.85
CA LYS A 117 -30.49 58.46 32.27
C LYS A 117 -31.31 58.00 31.08
N LYS A 118 -31.41 58.82 30.05
CA LYS A 118 -32.22 58.47 28.88
C LYS A 118 -31.64 57.26 28.17
N THR A 119 -30.31 57.22 28.03
CA THR A 119 -29.67 56.08 27.38
C THR A 119 -29.89 54.79 28.17
N ILE A 120 -29.78 54.87 29.50
CA ILE A 120 -30.06 53.70 30.33
C ILE A 120 -31.51 53.27 30.16
N LEU A 121 -32.42 54.24 30.03
CA LEU A 121 -33.83 53.90 29.80
C LEU A 121 -34.01 53.15 28.49
N ASN A 122 -33.36 53.61 27.42
CA ASN A 122 -33.46 52.90 26.15
C ASN A 122 -32.87 51.50 26.24
N LEU A 123 -31.72 51.35 26.91
CA LEU A 123 -31.09 50.04 27.02
C LEU A 123 -31.94 49.08 27.84
N LEU A 124 -32.54 49.57 28.93
CA LEU A 124 -33.42 48.73 29.73
C LEU A 124 -34.68 48.35 28.93
N LYS A 125 -35.23 49.30 28.17
CA LYS A 125 -36.37 48.99 27.32
C LYS A 125 -36.00 48.04 26.19
N GLU A 126 -34.72 47.90 25.87
CA GLU A 126 -34.27 46.94 24.87
C GLU A 126 -34.10 45.54 25.42
N LEU A 127 -34.17 45.36 26.74
CA LEU A 127 -34.05 44.03 27.33
C LEU A 127 -35.27 43.18 26.99
N SER A 128 -35.03 41.88 26.80
CA SER A 128 -36.09 41.00 26.31
C SER A 128 -37.16 40.73 27.37
N ILE A 129 -36.86 40.92 28.65
CA ILE A 129 -37.80 40.54 29.70
C ILE A 129 -38.90 41.60 29.80
N PRO A 130 -40.18 41.21 29.73
CA PRO A 130 -41.25 42.20 29.87
C PRO A 130 -41.31 42.83 31.26
N GLU A 131 -41.14 42.03 32.31
CA GLU A 131 -41.44 42.48 33.67
C GLU A 131 -40.61 43.69 34.08
N LEU A 132 -39.47 43.92 33.43
CA LEU A 132 -38.66 45.09 33.75
C LEU A 132 -39.43 46.38 33.58
N ASN A 133 -40.41 46.41 32.67
CA ASN A 133 -41.20 47.62 32.48
C ASN A 133 -41.95 48.01 33.74
N SER A 134 -42.30 47.03 34.58
CA SER A 134 -42.94 47.35 35.86
C SER A 134 -42.01 48.19 36.72
N SER A 135 -40.71 47.87 36.72
CA SER A 135 -39.74 48.70 37.41
C SER A 135 -39.44 49.99 36.66
N LEU A 136 -39.79 50.05 35.37
CA LEU A 136 -39.53 51.25 34.57
C LEU A 136 -40.62 52.29 34.70
N GLY A 137 -41.75 51.97 35.33
CA GLY A 137 -42.82 52.93 35.48
C GLY A 137 -42.53 54.02 36.49
N LEU A 138 -41.62 53.79 37.42
CA LEU A 138 -41.27 54.76 38.44
C LEU A 138 -40.00 55.52 38.14
N VAL A 139 -39.35 55.26 36.99
CA VAL A 139 -38.11 55.95 36.65
C VAL A 139 -38.36 57.43 36.46
N ASP A 140 -39.41 57.79 35.72
CA ASP A 140 -39.72 59.21 35.51
C ASP A 140 -40.06 59.88 36.84
N VAL A 141 -40.83 59.21 37.69
CA VAL A 141 -41.11 59.75 39.02
C VAL A 141 -39.83 59.82 39.84
N LEU A 142 -38.93 58.86 39.65
CA LEU A 142 -37.66 58.86 40.38
C LEU A 142 -36.81 60.07 40.02
N PHE A 143 -36.78 60.45 38.74
CA PHE A 143 -35.89 61.51 38.27
C PHE A 143 -36.55 62.88 38.26
N ASP A 144 -37.76 63.02 38.78
CA ASP A 144 -38.41 64.32 38.83
C ASP A 144 -37.75 65.21 39.88
N GLY A 145 -37.54 66.46 39.51
CA GLY A 145 -37.01 67.45 40.44
C GLY A 145 -35.63 67.13 40.97
N ILE A 146 -34.73 66.69 40.10
CA ILE A 146 -33.36 66.35 40.48
C ILE A 146 -32.41 67.09 39.56
N THR A 147 -31.46 67.82 40.15
CA THR A 147 -30.51 68.62 39.38
C THR A 147 -29.10 68.06 39.40
N ASP A 148 -28.79 67.12 40.28
CA ASP A 148 -27.45 66.56 40.38
C ASP A 148 -27.53 65.14 40.92
N SER A 149 -26.41 64.42 40.81
CA SER A 149 -26.39 63.03 41.27
C SER A 149 -26.58 62.94 42.78
N ASP A 150 -26.20 63.99 43.53
CA ASP A 150 -26.41 63.99 44.97
C ASP A 150 -27.89 63.93 45.32
N GLY A 151 -28.71 64.70 44.60
CA GLY A 151 -30.15 64.65 44.83
C GLY A 151 -30.75 63.30 44.48
N LEU A 152 -30.26 62.68 43.39
CA LEU A 152 -30.72 61.35 43.04
C LEU A 152 -30.35 60.34 44.12
N TYR A 153 -29.13 60.45 44.65
CA TYR A 153 -28.71 59.57 45.74
C TYR A 153 -29.60 59.75 46.97
N GLU A 154 -29.91 61.01 47.31
CA GLU A 154 -30.78 61.29 48.45
C GLU A 154 -32.16 60.72 48.23
N ARG A 155 -32.72 60.88 47.03
CA ARG A 155 -34.07 60.39 46.78
C ARG A 155 -34.12 58.87 46.76
N LEU A 156 -33.08 58.21 46.24
CA LEU A 156 -33.03 56.76 46.31
C LEU A 156 -32.88 56.28 47.75
N GLN A 157 -32.11 57.00 48.58
CA GLN A 157 -32.06 56.66 49.99
C GLN A 157 -33.43 56.83 50.66
N SER A 158 -34.17 57.87 50.27
CA SER A 158 -35.52 58.05 50.80
C SER A 158 -36.43 56.92 50.38
N PHE A 159 -36.34 56.49 49.12
CA PHE A 159 -37.21 55.44 48.59
C PHE A 159 -36.73 54.04 48.92
N LYS A 160 -35.56 53.88 49.53
CA LYS A 160 -35.03 52.56 49.83
C LYS A 160 -35.97 51.75 50.71
N ASP A 161 -36.62 52.42 51.66
CA ASP A 161 -37.51 51.73 52.59
C ASP A 161 -38.65 51.01 51.90
N LEU A 162 -38.99 51.42 50.68
CA LEU A 162 -39.97 50.69 49.86
C LEU A 162 -39.32 49.87 48.77
N ILE A 163 -38.14 50.29 48.28
CA ILE A 163 -37.50 49.58 47.19
C ILE A 163 -36.99 48.22 47.66
N VAL A 164 -36.30 48.17 48.79
CA VAL A 164 -35.62 46.94 49.19
C VAL A 164 -36.60 45.86 49.66
N PRO A 165 -37.73 46.17 50.31
CA PRO A 165 -38.66 45.06 50.60
C PRO A 165 -39.28 44.46 49.36
N ALA A 166 -39.55 45.29 48.34
CA ALA A 166 -40.08 44.77 47.09
C ALA A 166 -39.05 43.88 46.39
N VAL A 167 -37.78 44.27 46.43
CA VAL A 167 -36.73 43.44 45.84
C VAL A 167 -36.61 42.12 46.60
N LYS A 168 -36.64 42.17 47.92
CA LYS A 168 -36.50 40.95 48.72
C LYS A 168 -37.68 40.01 48.52
N THR A 169 -38.90 40.56 48.47
CA THR A 169 -40.08 39.72 48.32
C THR A 169 -40.17 39.06 46.94
N ASN A 170 -39.55 39.65 45.93
CA ASN A 170 -39.57 39.08 44.58
C ASN A 170 -38.56 37.95 44.52
N GLU A 171 -39.03 36.75 44.15
CA GLU A 171 -38.15 35.60 44.08
C GLU A 171 -37.09 35.76 43.01
N LYS A 172 -37.44 36.38 41.87
CA LYS A 172 -36.48 36.56 40.80
C LYS A 172 -35.31 37.45 41.24
N THR A 173 -35.60 38.51 41.99
CA THR A 173 -34.59 39.42 42.49
C THR A 173 -34.20 39.13 43.95
N ALA A 174 -34.63 37.99 44.49
CA ALA A 174 -34.31 37.66 45.87
C ALA A 174 -32.81 37.49 46.07
N ALA A 175 -32.14 36.82 45.13
CA ALA A 175 -30.69 36.71 45.21
C ALA A 175 -30.00 38.05 44.96
N LEU A 176 -30.67 38.97 44.24
CA LEU A 176 -30.10 40.27 43.94
C LEU A 176 -30.08 41.21 45.15
N SER A 177 -30.77 40.84 46.23
CA SER A 177 -30.96 41.75 47.36
C SER A 177 -29.69 42.41 47.87
N PRO A 178 -28.56 41.72 48.05
CA PRO A 178 -27.35 42.43 48.49
C PRO A 178 -26.93 43.55 47.55
N LEU A 179 -27.01 43.34 46.23
CA LEU A 179 -26.51 44.30 45.25
C LEU A 179 -27.12 45.68 45.46
N ILE A 180 -28.43 45.79 45.21
CA ILE A 180 -29.11 47.07 45.39
C ILE A 180 -28.86 47.60 46.79
N GLU A 181 -28.61 46.70 47.75
CA GLU A 181 -28.29 47.11 49.10
C GLU A 181 -27.19 48.17 49.10
N GLU A 182 -25.99 47.82 48.63
CA GLU A 182 -24.97 48.86 48.66
C GLU A 182 -25.19 49.93 47.59
N LEU A 183 -26.05 49.65 46.61
CA LEU A 183 -26.45 50.71 45.69
C LEU A 183 -27.17 51.83 46.42
N LEU A 184 -27.67 51.58 47.63
CA LEU A 184 -28.18 52.64 48.49
C LEU A 184 -27.37 52.81 49.76
N THR A 185 -26.25 52.10 49.91
CA THR A 185 -25.48 52.19 51.15
C THR A 185 -24.26 53.08 51.03
N GLN A 186 -23.55 53.03 49.90
CA GLN A 186 -22.36 53.84 49.69
C GLN A 186 -22.58 54.80 48.54
N LYS A 187 -22.15 56.05 48.73
CA LYS A 187 -22.24 57.07 47.70
C LYS A 187 -21.14 56.97 46.67
N ASP A 188 -20.13 56.13 46.90
CA ASP A 188 -19.00 55.95 45.99
C ASP A 188 -19.05 54.58 45.33
N THR A 189 -20.24 54.17 44.94
CA THR A 189 -20.41 52.88 44.28
C THR A 189 -19.80 52.90 42.88
N TYR A 190 -19.18 51.79 42.49
CA TYR A 190 -18.65 51.62 41.15
C TYR A 190 -19.21 50.32 40.57
N VAL A 191 -19.63 50.39 39.31
CA VAL A 191 -20.29 49.23 38.69
C VAL A 191 -19.34 48.04 38.65
N PHE A 192 -18.11 48.26 38.19
CA PHE A 192 -17.18 47.15 38.03
C PHE A 192 -16.61 46.68 39.36
N ASP A 193 -16.46 47.58 40.33
CA ASP A 193 -16.10 47.16 41.67
C ASP A 193 -17.18 46.26 42.27
N LEU A 194 -18.46 46.61 42.06
CA LEU A 194 -19.55 45.77 42.49
C LEU A 194 -19.51 44.42 41.77
N ILE A 195 -19.26 44.44 40.46
CA ILE A 195 -19.24 43.21 39.68
C ILE A 195 -18.14 42.27 40.17
N GLN A 196 -16.95 42.81 40.42
CA GLN A 196 -15.86 41.99 40.93
C GLN A 196 -16.02 41.63 42.40
N LYS A 197 -16.87 42.34 43.13
CA LYS A 197 -17.09 42.03 44.54
C LYS A 197 -18.26 41.07 44.74
N HIS A 198 -19.30 41.19 43.93
CA HIS A 198 -20.44 40.26 43.98
C HIS A 198 -20.25 39.18 42.94
N LYS A 199 -19.19 38.38 43.13
CA LYS A 199 -18.83 37.39 42.13
C LYS A 199 -19.87 36.28 42.05
N GLY A 200 -20.30 35.75 43.19
CA GLY A 200 -21.16 34.57 43.18
C GLY A 200 -22.51 34.82 42.54
N ILE A 201 -23.18 35.89 42.95
CA ILE A 201 -24.51 36.17 42.43
C ILE A 201 -24.44 36.49 40.94
N LEU A 202 -23.48 37.32 40.55
CA LEU A 202 -23.35 37.68 39.14
C LEU A 202 -23.03 36.46 38.28
N THR A 203 -22.17 35.57 38.79
CA THR A 203 -21.89 34.34 38.06
C THR A 203 -23.14 33.48 37.95
N ASN A 204 -23.97 33.46 38.99
CA ASN A 204 -25.20 32.67 38.94
C ASN A 204 -26.14 33.18 37.85
N LEU A 205 -26.40 34.48 37.83
CA LEU A 205 -27.26 35.03 36.77
C LEU A 205 -26.63 34.86 35.39
N LEU A 206 -25.31 35.02 35.28
CA LEU A 206 -24.67 34.84 33.98
C LEU A 206 -24.79 33.41 33.50
N LYS A 207 -24.63 32.44 34.41
CA LYS A 207 -24.80 31.03 34.05
C LYS A 207 -26.23 30.75 33.61
N ASN A 208 -27.21 31.29 34.33
CA ASN A 208 -28.61 31.07 33.95
C ASN A 208 -28.91 31.68 32.58
N PHE A 209 -28.43 32.91 32.34
CA PHE A 209 -28.65 33.56 31.06
C PHE A 209 -27.98 32.80 29.92
N LEU A 210 -26.76 32.31 30.15
CA LEU A 210 -26.05 31.57 29.11
C LEU A 210 -26.73 30.23 28.84
N ALA A 211 -27.26 29.57 29.88
CA ALA A 211 -28.00 28.34 29.66
C ALA A 211 -29.27 28.59 28.86
N ASP A 212 -29.97 29.70 29.16
CA ASP A 212 -31.15 30.05 28.38
C ASP A 212 -30.78 30.33 26.93
N PHE A 213 -29.67 31.04 26.70
CA PHE A 213 -29.22 31.33 25.34
C PHE A 213 -28.87 30.05 24.60
N GLN A 214 -28.23 29.11 25.29
CA GLN A 214 -27.94 27.81 24.68
C GLN A 214 -29.22 27.09 24.30
N LYS A 215 -30.20 27.09 25.20
CA LYS A 215 -31.49 26.48 24.88
C LYS A 215 -32.21 27.23 23.76
N SER A 216 -31.84 28.48 23.49
CA SER A 216 -32.46 29.27 22.45
C SER A 216 -31.64 29.36 21.17
N THR A 217 -30.33 29.16 21.24
CA THR A 217 -29.43 29.33 20.09
C THR A 217 -28.55 28.10 19.94
N PRO A 218 -29.08 27.01 19.37
CA PRO A 218 -28.26 25.81 19.14
C PRO A 218 -27.16 26.03 18.10
N PHE A 219 -27.30 27.00 17.21
CA PHE A 219 -26.34 27.17 16.13
C PHE A 219 -24.97 27.64 16.63
N MET A 220 -24.95 28.57 17.60
CA MET A 220 -23.72 29.03 18.24
C MET A 220 -23.46 28.31 19.55
N ALA A 221 -23.78 27.00 19.61
CA ALA A 221 -23.67 26.26 20.86
C ALA A 221 -22.24 26.21 21.38
N ASP A 222 -21.25 26.21 20.49
CA ASP A 222 -19.86 26.16 20.94
C ASP A 222 -19.46 27.41 21.70
N GLN A 223 -19.85 28.59 21.21
CA GLN A 223 -19.52 29.83 21.89
C GLN A 223 -20.19 29.91 23.27
N VAL A 224 -21.46 29.52 23.34
CA VAL A 224 -22.12 29.53 24.64
C VAL A 224 -21.50 28.49 25.57
N ALA A 225 -21.08 27.34 25.03
CA ALA A 225 -20.45 26.32 25.85
C ALA A 225 -19.15 26.83 26.45
N ILE A 226 -18.31 27.47 25.64
CA ILE A 226 -17.05 27.99 26.18
C ILE A 226 -17.32 29.12 27.16
N PHE A 227 -18.34 29.95 26.90
CA PHE A 227 -18.69 31.00 27.84
C PHE A 227 -19.14 30.42 29.18
N THR A 228 -19.99 29.39 29.15
CA THR A 228 -20.45 28.77 30.39
C THR A 228 -19.30 28.13 31.15
N GLU A 229 -18.41 27.44 30.43
CA GLU A 229 -17.24 26.84 31.08
C GLU A 229 -16.37 27.92 31.70
N LEU A 230 -16.25 29.07 31.03
CA LEU A 230 -15.48 30.19 31.56
C LEU A 230 -16.10 30.71 32.85
N PHE A 231 -17.41 30.94 32.85
CA PHE A 231 -18.08 31.56 33.97
C PHE A 231 -18.51 30.56 35.04
N ASP A 232 -18.22 29.27 34.85
CA ASP A 232 -18.42 28.30 35.92
C ASP A 232 -17.55 28.59 37.13
N ASN A 233 -16.48 29.36 36.95
CA ASN A 233 -15.60 29.78 38.03
C ASN A 233 -15.97 31.19 38.46
N GLU A 234 -16.08 31.40 39.78
CA GLU A 234 -16.32 32.74 40.29
C GLU A 234 -15.15 33.65 40.00
N GLY A 235 -13.92 33.14 40.14
CA GLY A 235 -12.74 33.94 39.87
C GLY A 235 -12.65 34.47 38.46
N ALA A 236 -13.48 33.94 37.55
CA ALA A 236 -13.56 34.46 36.20
C ALA A 236 -14.03 35.90 36.17
N PHE A 237 -14.67 36.38 37.24
CA PHE A 237 -15.08 37.77 37.31
C PHE A 237 -13.98 38.67 37.85
N ASP A 238 -12.79 38.13 38.12
CA ASP A 238 -11.67 38.94 38.55
C ASP A 238 -11.09 39.80 37.42
N LEU A 239 -11.52 39.56 36.18
CA LEU A 239 -11.08 40.43 35.08
C LEU A 239 -11.54 41.86 35.31
N PHE A 240 -12.79 42.04 35.74
CA PHE A 240 -13.34 43.37 35.96
C PHE A 240 -12.90 43.91 37.31
N GLY A 241 -11.60 43.90 37.57
CA GLY A 241 -11.08 44.38 38.83
C GLY A 241 -9.59 44.62 38.78
N GLU A 242 -8.90 44.37 39.90
CA GLU A 242 -7.46 44.59 39.99
C GLU A 242 -6.77 43.26 39.72
N ALA A 243 -6.46 43.00 38.46
CA ALA A 243 -5.87 41.75 38.05
C ALA A 243 -4.95 42.01 36.86
N ASP A 244 -4.57 40.95 36.15
CA ASP A 244 -3.79 41.08 34.93
C ASP A 244 -4.54 40.31 33.83
N PHE A 245 -5.09 41.06 32.86
CA PHE A 245 -5.86 40.43 31.80
C PHE A 245 -5.01 39.48 30.98
N VAL A 246 -3.78 39.87 30.66
CA VAL A 246 -2.92 39.00 29.85
C VAL A 246 -2.53 37.75 30.62
N ASP A 247 -2.72 37.75 31.94
CA ASP A 247 -2.50 36.57 32.76
C ASP A 247 -3.81 35.89 33.14
N LYS A 248 -4.85 36.66 33.44
CA LYS A 248 -6.14 36.07 33.79
C LYS A 248 -6.75 35.33 32.61
N ILE A 249 -6.65 35.91 31.41
CA ILE A 249 -7.19 35.23 30.23
C ILE A 249 -6.39 33.97 29.93
N ALA A 250 -5.11 33.93 30.35
CA ALA A 250 -4.32 32.72 30.16
C ALA A 250 -4.66 31.66 31.19
N GLU A 251 -4.96 32.06 32.43
CA GLU A 251 -5.26 31.09 33.48
C GLU A 251 -6.75 30.69 33.49
N LEU A 252 -7.57 31.37 32.69
CA LEU A 252 -8.96 30.99 32.46
C LEU A 252 -9.19 30.24 31.17
N PHE A 253 -8.50 30.62 30.09
CA PHE A 253 -8.76 30.04 28.77
C PHE A 253 -7.71 29.04 28.33
N LEU A 254 -6.49 29.11 28.87
CA LEU A 254 -5.40 28.24 28.49
C LEU A 254 -4.80 27.58 29.73
N THR A 255 -5.65 27.03 30.58
CA THR A 255 -5.22 26.39 31.81
C THR A 255 -6.21 25.30 32.17
N LYS A 256 -5.69 24.15 32.63
CA LYS A 256 -6.54 23.04 33.02
C LYS A 256 -7.47 23.45 34.17
N ARG A 257 -8.62 22.79 34.22
CA ARG A 257 -9.63 23.09 35.22
C ARG A 257 -9.84 21.89 36.15
N THR A 258 -10.11 22.18 37.41
CA THR A 258 -10.41 21.18 38.43
C THR A 258 -11.63 21.60 39.24
N VAL A 259 -12.69 22.00 38.54
CA VAL A 259 -13.87 22.59 39.18
C VAL A 259 -14.75 21.41 39.59
N LYS A 260 -14.43 20.85 40.76
CA LYS A 260 -15.20 19.79 41.41
C LYS A 260 -14.52 19.50 42.74
N ASN A 261 -15.22 18.74 43.59
CA ASN A 261 -14.68 18.40 44.90
C ASN A 261 -14.97 16.96 45.32
N GLY A 262 -15.49 16.11 44.44
CA GLY A 262 -15.80 14.76 44.85
C GLY A 262 -14.57 13.93 45.13
N GLU A 263 -13.83 13.53 44.08
CA GLU A 263 -12.49 13.00 44.26
C GLU A 263 -11.46 13.83 43.50
N LYS A 264 -11.57 13.90 42.17
CA LYS A 264 -10.74 14.75 41.33
C LYS A 264 -11.26 14.75 39.90
N ILE A 265 -11.50 15.93 39.33
CA ILE A 265 -11.88 16.05 37.93
C ILE A 265 -10.90 17.00 37.24
N GLU A 266 -9.64 16.95 37.67
CA GLU A 266 -8.61 17.84 37.12
C GLU A 266 -8.38 17.58 35.63
N THR A 267 -8.84 16.44 35.11
CA THR A 267 -8.69 16.11 33.71
C THR A 267 -9.64 16.89 32.81
N LYS A 268 -10.28 17.95 33.32
CA LYS A 268 -11.21 18.73 32.53
C LYS A 268 -10.53 19.57 31.45
N ASP A 269 -9.20 19.62 31.44
CA ASP A 269 -8.44 20.34 30.42
C ASP A 269 -8.74 21.83 30.46
N SER A 270 -8.37 22.55 29.40
CA SER A 270 -8.56 23.99 29.32
C SER A 270 -9.77 24.32 28.46
N LEU A 271 -10.06 25.62 28.39
CA LEU A 271 -11.21 26.07 27.59
C LEU A 271 -10.91 25.99 26.09
N LEU A 272 -9.70 26.40 25.69
CA LEU A 272 -9.35 26.34 24.27
C LEU A 272 -9.31 24.90 23.77
N VAL A 273 -8.77 23.99 24.57
CA VAL A 273 -8.72 22.59 24.18
C VAL A 273 -10.11 22.01 24.03
N THR A 274 -11.01 22.32 24.96
CA THR A 274 -12.38 21.83 24.86
C THR A 274 -13.09 22.43 23.65
N SER A 275 -12.83 23.70 23.36
CA SER A 275 -13.43 24.33 22.19
C SER A 275 -12.94 23.69 20.91
N LEU A 276 -11.64 23.36 20.85
CA LEU A 276 -11.11 22.66 19.68
C LEU A 276 -11.70 21.26 19.56
N LYS A 277 -11.87 20.57 20.69
CA LYS A 277 -12.49 19.26 20.66
C LYS A 277 -13.91 19.32 20.12
N SER A 278 -14.68 20.33 20.56
CA SER A 278 -16.02 20.52 20.04
C SER A 278 -16.02 20.87 18.56
N LEU A 279 -15.11 21.75 18.13
CA LEU A 279 -15.12 22.21 16.75
C LEU A 279 -14.38 21.24 15.82
N LEU A 280 -13.32 20.60 16.30
CA LEU A 280 -12.78 19.40 15.66
C LEU A 280 -13.29 18.15 16.37
N GLY A 281 -14.60 17.90 16.20
CA GLY A 281 -15.21 16.71 16.75
C GLY A 281 -14.79 15.47 16.00
N GLU A 282 -15.15 15.40 14.71
CA GLU A 282 -14.79 14.26 13.88
C GLU A 282 -14.33 14.68 12.49
N LYS A 283 -14.05 15.97 12.27
CA LYS A 283 -13.63 16.42 10.96
C LYS A 283 -12.31 15.78 10.55
N VAL A 284 -11.36 15.70 11.48
CA VAL A 284 -10.08 15.05 11.25
C VAL A 284 -9.86 14.01 12.32
N ALA A 285 -9.42 12.82 11.92
CA ALA A 285 -9.25 11.70 12.84
C ALA A 285 -7.80 11.26 12.98
N ALA A 286 -7.11 11.00 11.86
CA ALA A 286 -5.73 10.53 11.95
C ALA A 286 -4.82 11.58 12.59
N LEU A 287 -4.97 12.84 12.19
CA LEU A 287 -4.17 13.91 12.76
C LEU A 287 -4.66 14.35 14.13
N GLY A 288 -5.80 13.82 14.59
CA GLY A 288 -6.24 14.10 15.94
C GLY A 288 -5.22 13.67 16.98
N ASP A 289 -4.58 12.53 16.76
CA ASP A 289 -3.48 12.11 17.62
C ASP A 289 -2.38 13.16 17.66
N LEU A 290 -2.10 13.79 16.51
CA LEU A 290 -1.19 14.92 16.50
C LEU A 290 -1.66 16.01 17.44
N LEU A 291 -2.95 16.37 17.34
CA LEU A 291 -3.51 17.33 18.28
C LEU A 291 -3.42 16.83 19.71
N ASP A 292 -3.43 15.51 19.90
CA ASP A 292 -3.27 14.96 21.24
C ASP A 292 -1.85 15.14 21.75
N SER A 293 -0.87 15.14 20.87
CA SER A 293 0.53 15.21 21.28
C SER A 293 1.11 16.62 21.23
N TYR A 294 0.47 17.54 20.53
CA TYR A 294 1.01 18.88 20.34
C TYR A 294 0.04 20.00 20.65
N ILE A 295 -1.26 19.75 20.65
CA ILE A 295 -2.25 20.76 20.96
C ILE A 295 -2.98 20.47 22.27
N PHE A 296 -3.23 19.20 22.56
CA PHE A 296 -3.90 18.81 23.79
C PHE A 296 -2.94 18.55 24.94
N LYS A 297 -1.64 18.52 24.68
CA LYS A 297 -0.63 18.18 25.68
C LYS A 297 0.52 19.19 25.62
N ASN A 298 0.19 20.48 25.58
CA ASN A 298 1.18 21.54 25.65
C ASN A 298 0.85 22.43 26.82
N GLU A 299 1.87 22.78 27.62
CA GLU A 299 1.64 23.59 28.80
C GLU A 299 1.29 25.03 28.47
N LEU A 300 1.47 25.45 27.22
CA LEU A 300 1.08 26.79 26.80
C LEU A 300 -0.40 26.89 26.48
N LEU A 301 -1.09 25.76 26.32
CA LEU A 301 -2.52 25.76 26.05
C LEU A 301 -3.26 24.96 27.12
N ASN A 302 -2.55 24.03 27.74
CA ASN A 302 -3.09 23.19 28.83
C ASN A 302 -2.07 23.22 29.94
N ARG A 303 -2.17 24.23 30.82
CA ARG A 303 -1.09 24.49 31.77
C ARG A 303 -0.92 23.42 32.84
N SER A 304 -1.88 22.49 32.98
CA SER A 304 -1.77 21.38 33.92
C SER A 304 -1.61 21.89 35.36
N VAL A 305 -2.69 22.52 35.83
CA VAL A 305 -2.71 23.09 37.17
C VAL A 305 -2.45 22.00 38.21
N GLU A 306 -1.74 22.39 39.28
CA GLU A 306 -1.43 21.56 40.44
C GLU A 306 -0.42 20.46 40.14
N VAL A 307 0.07 20.37 38.91
CA VAL A 307 1.09 19.39 38.54
C VAL A 307 2.49 19.99 38.54
N ALA A 308 2.61 21.31 38.40
CA ALA A 308 3.93 21.94 38.44
C ALA A 308 4.61 21.70 39.79
N LYS A 309 3.87 21.85 40.88
CA LYS A 309 4.41 21.56 42.21
C LYS A 309 4.08 20.13 42.63
N ALA A 310 4.38 19.16 41.76
CA ALA A 310 4.16 17.75 42.06
C ALA A 310 5.43 16.94 41.96
N GLU A 311 6.19 17.08 40.88
CA GLU A 311 7.40 16.31 40.67
C GLU A 311 8.69 17.12 40.79
N ALA A 312 8.65 18.41 40.44
CA ALA A 312 9.85 19.23 40.53
C ALA A 312 10.05 19.75 41.95
N LYS A 313 9.10 20.54 42.44
CA LYS A 313 9.15 21.17 43.77
C LYS A 313 10.38 22.06 43.94
N ASP A 314 10.96 22.52 42.83
CA ASP A 314 12.09 23.44 42.88
C ASP A 314 11.97 24.63 41.95
N THR A 315 10.89 24.73 41.16
CA THR A 315 10.61 25.89 40.31
C THR A 315 11.75 26.16 39.32
N LYS A 316 11.96 25.24 38.38
CA LYS A 316 12.90 25.45 37.30
C LYS A 316 12.33 26.47 36.33
N GLY A 317 13.22 27.03 35.50
CA GLY A 317 12.78 28.04 34.55
C GLY A 317 11.78 27.50 33.55
N ALA A 318 12.01 26.29 33.05
CA ALA A 318 11.07 25.68 32.10
C ALA A 318 9.81 25.20 32.82
N THR A 319 9.92 24.83 34.10
CA THR A 319 8.79 24.27 34.83
C THR A 319 7.65 25.29 34.95
N ASP A 320 8.00 26.54 35.26
CA ASP A 320 6.99 27.59 35.40
C ASP A 320 6.50 27.99 34.02
N TYR A 321 5.42 27.35 33.57
CA TYR A 321 4.83 27.64 32.28
C TYR A 321 3.77 28.73 32.35
N LYS A 322 3.55 29.31 33.53
CA LYS A 322 2.57 30.37 33.67
C LYS A 322 3.06 31.71 33.12
N LYS A 323 4.37 31.91 33.06
CA LYS A 323 4.93 33.12 32.49
C LYS A 323 5.40 32.95 31.05
N GLU A 324 5.83 31.74 30.67
CA GLU A 324 6.16 31.48 29.27
C GLU A 324 4.92 31.54 28.40
N GLN A 325 3.81 30.97 28.87
CA GLN A 325 2.53 31.07 28.17
C GLN A 325 2.03 32.51 28.15
N ALA A 326 2.18 33.23 29.27
CA ALA A 326 1.82 34.64 29.29
C ALA A 326 2.68 35.45 28.32
N LYS A 327 3.97 35.11 28.22
CA LYS A 327 4.83 35.79 27.26
C LYS A 327 4.40 35.51 25.83
N ALA A 328 4.01 34.27 25.52
CA ALA A 328 3.54 33.96 24.17
C ALA A 328 2.26 34.71 23.84
N LEU A 329 1.33 34.76 24.80
CA LEU A 329 0.10 35.52 24.58
C LEU A 329 0.41 37.00 24.40
N LYS A 330 1.36 37.54 25.17
CA LYS A 330 1.73 38.93 25.02
C LYS A 330 2.36 39.21 23.65
N LYS A 331 3.16 38.27 23.15
CA LYS A 331 3.73 38.44 21.81
C LYS A 331 2.65 38.43 20.74
N LEU A 332 1.69 37.50 20.86
CA LEU A 332 0.58 37.48 19.92
C LEU A 332 -0.22 38.77 19.98
N PHE A 333 -0.46 39.28 21.19
CA PHE A 333 -1.17 40.56 21.33
C PHE A 333 -0.37 41.70 20.73
N LYS A 334 0.94 41.70 20.91
CA LYS A 334 1.79 42.71 20.30
C LYS A 334 1.63 42.71 18.79
N HIS A 335 1.66 41.53 18.17
CA HIS A 335 1.59 41.49 16.71
C HIS A 335 0.21 41.85 16.21
N ILE A 336 -0.85 41.31 16.83
CA ILE A 336 -2.20 41.67 16.38
C ILE A 336 -2.49 43.14 16.65
N GLY A 337 -1.78 43.76 17.59
CA GLY A 337 -2.05 45.15 17.93
C GLY A 337 -1.40 46.16 17.00
N GLU A 338 -0.11 46.00 16.73
CA GLU A 338 0.64 47.01 15.99
C GLU A 338 1.14 46.52 14.63
N ASN A 339 0.70 45.36 14.17
CA ASN A 339 1.16 44.87 12.87
C ASN A 339 0.01 44.45 11.97
N THR A 340 -1.09 43.99 12.56
CA THR A 340 -2.22 43.48 11.80
C THR A 340 -3.46 44.37 11.92
N LEU A 341 -3.89 44.66 13.15
CA LEU A 341 -5.04 45.52 13.38
C LEU A 341 -4.63 46.93 13.79
N SER A 342 -3.50 47.40 13.29
CA SER A 342 -3.05 48.75 13.58
C SER A 342 -3.88 49.76 12.81
N LYS A 343 -3.75 51.03 13.18
CA LYS A 343 -4.43 52.09 12.45
C LYS A 343 -3.93 52.17 11.01
N THR A 344 -2.62 52.04 10.81
CA THR A 344 -2.07 52.11 9.47
C THR A 344 -2.55 50.95 8.61
N ASN A 345 -2.58 49.74 9.17
CA ASN A 345 -2.98 48.58 8.39
C ASN A 345 -4.48 48.56 8.14
N LEU A 346 -5.27 49.05 9.10
CA LEU A 346 -6.71 49.11 8.91
C LEU A 346 -7.15 50.31 8.09
N ASP A 347 -6.25 51.29 7.86
CA ASP A 347 -6.63 52.45 7.07
C ASP A 347 -6.86 52.09 5.61
N LYS A 348 -6.19 51.07 5.11
CA LYS A 348 -6.36 50.66 3.71
C LYS A 348 -7.51 49.66 3.56
N ILE A 349 -8.66 50.03 4.11
CA ILE A 349 -9.92 49.33 3.87
C ILE A 349 -10.98 50.41 3.72
N THR A 350 -11.36 50.71 2.49
CA THR A 350 -12.18 51.88 2.19
C THR A 350 -13.56 51.43 1.73
N LEU A 351 -14.60 51.94 2.37
CA LEU A 351 -15.97 51.72 1.93
C LEU A 351 -16.37 52.91 1.06
N LYS A 352 -16.38 52.70 -0.25
CA LYS A 352 -16.73 53.76 -1.19
C LYS A 352 -18.13 53.52 -1.74
N GLU A 353 -18.92 54.58 -1.75
CA GLU A 353 -20.21 54.52 -2.44
C GLU A 353 -19.99 54.35 -3.93
N VAL A 354 -20.92 53.65 -4.58
CA VAL A 354 -20.84 53.38 -6.01
C VAL A 354 -21.87 54.22 -6.78
N LYS A 355 -23.15 54.04 -6.49
CA LYS A 355 -24.19 54.86 -7.13
C LYS A 355 -24.69 55.95 -6.19
N ASN A 356 -25.27 55.55 -5.05
CA ASN A 356 -25.78 56.45 -4.01
C ASN A 356 -26.48 57.69 -4.57
N THR A 357 -27.25 57.52 -5.64
CA THR A 357 -27.89 58.67 -6.27
C THR A 357 -29.37 58.41 -6.51
N GLU A 358 -29.73 57.14 -6.72
CA GLU A 358 -31.10 56.78 -7.04
C GLU A 358 -32.02 57.10 -5.87
N ASN A 359 -33.14 57.76 -6.16
CA ASN A 359 -34.12 58.08 -5.13
C ASN A 359 -34.94 56.85 -4.80
N VAL A 360 -35.10 56.58 -3.50
CA VAL A 360 -35.84 55.42 -3.03
C VAL A 360 -37.29 55.86 -2.88
N GLU A 361 -38.04 55.81 -3.98
CA GLU A 361 -39.42 56.24 -3.97
C GLU A 361 -40.27 55.28 -3.12
N LEU A 362 -41.24 55.85 -2.41
CA LEU A 362 -42.14 55.08 -1.57
C LEU A 362 -43.55 55.16 -2.13
N GLU A 363 -44.21 54.01 -2.22
CA GLU A 363 -45.59 53.93 -2.65
C GLU A 363 -46.47 53.56 -1.47
N GLU A 364 -47.52 54.34 -1.24
CA GLU A 364 -48.47 54.09 -0.16
C GLU A 364 -49.85 53.82 -0.74
N THR A 365 -50.46 52.72 -0.31
CA THR A 365 -51.79 52.35 -0.78
C THR A 365 -52.47 51.52 0.31
N GLU A 366 -53.37 52.15 1.04
CA GLU A 366 -54.05 51.54 2.19
C GLU A 366 -52.97 51.08 3.18
N THR A 367 -53.24 50.03 3.95
CA THR A 367 -52.33 49.63 5.01
C THR A 367 -51.09 48.97 4.40
N THR A 368 -50.26 49.76 3.73
CA THR A 368 -49.02 49.30 3.12
C THR A 368 -48.05 50.46 3.02
N LEU A 369 -46.76 50.13 2.96
CA LEU A 369 -45.72 51.11 2.65
C LEU A 369 -44.56 50.34 2.04
N LYS A 370 -44.33 50.53 0.75
CA LYS A 370 -43.35 49.75 0.01
C LYS A 370 -42.29 50.66 -0.59
N VAL A 371 -41.09 50.11 -0.73
CA VAL A 371 -40.00 50.77 -1.44
C VAL A 371 -40.10 50.42 -2.91
N LYS A 372 -40.15 51.44 -3.76
CA LYS A 372 -40.33 51.21 -5.19
C LYS A 372 -39.17 50.41 -5.78
N LYS A 373 -37.95 50.88 -5.56
CA LYS A 373 -36.77 50.21 -6.11
C LYS A 373 -35.57 50.62 -5.25
N LEU A 374 -35.14 49.73 -4.37
CA LEU A 374 -33.94 49.95 -3.57
C LEU A 374 -32.76 49.31 -4.28
N ASP A 375 -31.73 50.10 -4.58
CA ASP A 375 -30.52 49.58 -5.20
C ASP A 375 -29.36 50.48 -4.79
N VAL A 376 -28.64 50.07 -3.75
CA VAL A 376 -27.42 50.73 -3.33
C VAL A 376 -26.30 49.70 -3.30
N GLU A 377 -25.11 50.12 -3.69
CA GLU A 377 -23.95 49.24 -3.74
C GLU A 377 -22.75 49.98 -3.19
N TYR A 378 -22.03 49.32 -2.29
CA TYR A 378 -20.81 49.89 -1.71
C TYR A 378 -19.64 48.95 -1.96
N LYS A 379 -18.54 49.51 -2.43
CA LYS A 379 -17.32 48.76 -2.70
C LYS A 379 -16.41 48.86 -1.49
N VAL A 380 -16.14 47.74 -0.84
CA VAL A 380 -15.17 47.68 0.23
C VAL A 380 -13.84 47.26 -0.41
N GLU A 381 -12.93 48.22 -0.53
CA GLU A 381 -11.61 47.99 -1.09
C GLU A 381 -10.66 47.60 0.04
N LEU A 382 -10.13 46.39 -0.04
CA LEU A 382 -9.25 45.88 1.00
C LEU A 382 -7.82 46.39 0.87
N GLY A 383 -7.51 47.13 -0.20
CA GLY A 383 -6.18 47.68 -0.35
C GLY A 383 -5.14 46.58 -0.36
N ASN A 384 -4.17 46.69 0.55
CA ASN A 384 -3.20 45.61 0.82
C ASN A 384 -3.17 45.41 2.33
N PHE A 385 -4.12 44.61 2.84
CA PHE A 385 -4.21 44.35 4.27
C PHE A 385 -3.20 43.26 4.62
N GLU A 386 -1.96 43.69 4.81
CA GLU A 386 -0.84 42.77 5.04
C GLU A 386 -1.00 42.11 6.40
N ILE A 387 -1.43 40.85 6.39
CA ILE A 387 -1.38 40.01 7.59
C ILE A 387 0.06 39.54 7.71
N LYS A 388 0.86 40.25 8.50
CA LYS A 388 2.28 39.99 8.51
C LYS A 388 2.61 38.66 9.20
N ASN A 389 3.83 38.20 9.00
CA ASN A 389 4.33 37.03 9.71
C ASN A 389 4.42 37.36 11.19
N GLY A 390 3.63 36.67 12.00
CA GLY A 390 3.57 36.99 13.41
C GLY A 390 2.16 36.87 13.94
N LEU A 391 1.17 37.13 13.09
CA LEU A 391 -0.19 36.74 13.43
C LEU A 391 -0.31 35.23 13.50
N ILE A 392 0.38 34.52 12.61
CA ILE A 392 0.42 33.07 12.64
C ILE A 392 1.75 32.53 13.15
N LYS A 393 2.80 33.36 13.18
CA LYS A 393 4.07 32.90 13.75
C LYS A 393 3.98 32.80 15.26
N ALA A 394 3.25 33.73 15.90
CA ALA A 394 3.04 33.63 17.34
C ALA A 394 2.21 32.40 17.70
N MET A 395 1.17 32.11 16.89
CA MET A 395 0.41 30.88 17.13
C MET A 395 1.26 29.64 16.92
N LEU A 396 2.20 29.68 15.97
CA LEU A 396 3.16 28.59 15.86
C LEU A 396 4.01 28.48 17.11
N GLU A 397 4.44 29.62 17.67
CA GLU A 397 5.23 29.61 18.88
C GLU A 397 4.43 29.12 20.09
N PHE A 398 3.10 29.20 20.02
CA PHE A 398 2.28 28.58 21.07
C PHE A 398 2.46 27.07 21.09
N LEU A 399 2.68 26.46 19.94
CA LEU A 399 2.92 25.02 19.88
C LEU A 399 4.25 24.69 20.56
N PRO A 400 4.36 23.52 21.18
CA PRO A 400 5.58 23.18 21.91
C PRO A 400 6.78 23.05 20.98
N ASP A 401 7.95 23.41 21.51
CA ASP A 401 9.20 23.36 20.76
C ASP A 401 10.02 22.12 21.10
N THR A 402 9.35 21.04 21.51
CA THR A 402 10.06 19.81 21.82
C THR A 402 10.62 19.20 20.54
N LYS A 403 11.92 18.87 20.57
CA LYS A 403 12.59 18.36 19.38
C LYS A 403 12.15 16.95 19.02
N ASP A 404 11.36 16.29 19.87
CA ASP A 404 10.93 14.92 19.61
C ASP A 404 9.87 14.94 18.51
N LEU A 405 10.35 15.05 17.28
CA LEU A 405 9.49 14.97 16.10
C LEU A 405 9.45 13.59 15.47
N GLU A 406 10.49 12.78 15.66
CA GLU A 406 10.52 11.45 15.07
C GLU A 406 9.46 10.55 15.67
N THR A 407 9.36 10.50 17.00
CA THR A 407 8.41 9.60 17.64
C THR A 407 6.98 9.99 17.34
N THR A 408 6.67 11.29 17.40
CA THR A 408 5.30 11.72 17.15
C THR A 408 4.88 11.43 15.70
N LEU A 409 5.75 11.73 14.74
CA LEU A 409 5.42 11.46 13.35
C LEU A 409 5.35 9.97 13.07
N ASP A 410 6.21 9.18 13.71
CA ASP A 410 6.13 7.72 13.57
C ASP A 410 4.80 7.21 14.08
N LYS A 411 4.35 7.70 15.23
CA LYS A 411 3.06 7.27 15.76
C LYS A 411 1.93 7.71 14.84
N LEU A 412 2.00 8.94 14.32
CA LEU A 412 0.93 9.45 13.46
C LEU A 412 0.85 8.67 12.15
N LEU A 413 1.98 8.38 11.53
CA LEU A 413 1.99 7.75 10.22
C LEU A 413 1.93 6.23 10.29
N PHE A 414 2.84 5.62 11.03
CA PHE A 414 3.01 4.17 11.00
C PHE A 414 2.31 3.46 12.17
N LYS A 415 2.53 3.91 13.40
CA LYS A 415 1.91 3.26 14.54
C LYS A 415 0.48 3.73 14.72
N GLY A 416 -0.32 3.65 13.65
CA GLY A 416 -1.70 4.04 13.68
C GLY A 416 -2.64 2.86 13.69
N GLU A 417 -3.91 3.12 13.39
CA GLU A 417 -4.93 2.10 13.40
C GLU A 417 -5.22 1.52 12.02
N SER A 418 -4.88 2.25 10.96
CA SER A 418 -5.11 1.78 9.60
C SER A 418 -3.83 1.26 8.94
N TYR A 419 -2.70 1.94 9.14
CA TYR A 419 -1.45 1.44 8.59
C TYR A 419 -1.05 0.12 9.23
N LYS A 420 -1.32 -0.05 10.52
CA LYS A 420 -0.96 -1.29 11.20
C LYS A 420 -1.77 -2.47 10.67
N ALA A 421 -3.05 -2.23 10.36
CA ALA A 421 -3.86 -3.30 9.79
C ALA A 421 -3.32 -3.73 8.43
N MET A 422 -2.95 -2.77 7.59
CA MET A 422 -2.35 -3.11 6.30
C MET A 422 -1.02 -3.83 6.49
N LYS A 423 -0.24 -3.39 7.48
CA LYS A 423 1.01 -4.08 7.82
C LYS A 423 0.76 -5.54 8.11
N ASP A 424 -0.19 -5.81 9.02
CA ASP A 424 -0.48 -7.19 9.41
C ASP A 424 -1.00 -7.99 8.22
N LYS A 425 -1.90 -7.40 7.43
CA LYS A 425 -2.45 -8.12 6.29
C LYS A 425 -1.38 -8.47 5.28
N TYR A 426 -0.45 -7.55 5.01
CA TYR A 426 0.62 -7.85 4.08
C TYR A 426 1.66 -8.79 4.67
N ILE A 427 1.78 -8.84 6.01
CA ILE A 427 2.72 -9.78 6.62
C ILE A 427 2.19 -11.20 6.54
N LYS A 428 0.92 -11.40 6.90
CA LYS A 428 0.36 -12.76 6.88
C LYS A 428 0.29 -13.31 5.47
N GLU A 429 -0.21 -12.52 4.53
CA GLU A 429 -0.34 -12.93 3.13
C GLU A 429 -0.23 -11.68 2.28
N GLY A 430 -0.65 -11.77 1.02
CA GLY A 430 -0.72 -10.58 0.19
C GLY A 430 0.40 -10.45 -0.82
N PHE A 431 0.75 -9.19 -1.15
CA PHE A 431 1.65 -8.88 -2.25
C PHE A 431 1.15 -9.59 -3.50
N PRO A 432 0.05 -9.12 -4.10
CA PRO A 432 -0.58 -9.86 -5.19
C PRO A 432 0.37 -10.08 -6.36
N GLY A 433 0.25 -11.26 -6.96
CA GLY A 433 1.14 -11.69 -8.02
C GLY A 433 2.35 -12.44 -7.50
N TYR A 434 2.91 -11.98 -6.38
CA TYR A 434 4.04 -12.65 -5.77
C TYR A 434 3.60 -13.85 -4.95
N GLY A 435 2.84 -13.61 -3.89
CA GLY A 435 2.27 -14.70 -3.10
C GLY A 435 3.27 -15.42 -2.24
N TRP A 436 4.19 -16.16 -2.86
CA TRP A 436 5.13 -16.98 -2.12
C TRP A 436 6.21 -16.16 -1.42
N ALA A 437 6.35 -14.88 -1.76
CA ALA A 437 7.37 -14.03 -1.13
C ALA A 437 6.74 -13.34 0.07
N LYS A 438 6.69 -14.06 1.19
CA LYS A 438 6.19 -13.52 2.45
C LYS A 438 7.30 -13.05 3.38
N GLY A 439 8.50 -13.60 3.26
CA GLY A 439 9.62 -13.11 4.04
C GLY A 439 10.15 -11.78 3.57
N VAL A 440 9.87 -11.41 2.31
CA VAL A 440 10.27 -10.11 1.80
C VAL A 440 9.49 -9.00 2.50
N VAL A 441 8.27 -9.30 2.94
CA VAL A 441 7.42 -8.24 3.50
C VAL A 441 8.04 -7.58 4.72
N PRO A 442 8.61 -8.30 5.70
CA PRO A 442 9.30 -7.58 6.78
C PRO A 442 10.70 -7.15 6.38
N GLY A 443 10.83 -6.70 5.14
CA GLY A 443 12.02 -6.00 4.67
C GLY A 443 11.56 -4.92 3.72
N ALA A 444 10.27 -4.94 3.42
CA ALA A 444 9.62 -3.96 2.58
C ALA A 444 8.95 -2.87 3.41
N PHE A 445 8.06 -3.27 4.32
CA PHE A 445 7.49 -2.29 5.24
C PHE A 445 8.41 -2.10 6.43
N GLU A 446 9.68 -2.01 6.18
CA GLU A 446 10.66 -1.62 7.18
C GLU A 446 11.56 -0.51 6.68
N SER A 447 11.92 -0.54 5.40
CA SER A 447 12.59 0.58 4.76
C SER A 447 11.60 1.66 4.36
N ILE A 448 10.37 1.27 4.01
CA ILE A 448 9.32 2.24 3.75
C ILE A 448 9.12 3.14 4.96
N GLU A 449 9.15 2.56 6.15
CA GLU A 449 9.12 3.35 7.37
C GLU A 449 10.48 3.98 7.66
N ASN A 450 11.57 3.28 7.33
CA ASN A 450 12.89 3.74 7.74
C ASN A 450 13.27 5.04 7.04
N THR A 451 13.03 5.13 5.74
CA THR A 451 13.38 6.36 5.02
C THR A 451 12.53 7.53 5.49
N PHE A 452 11.24 7.30 5.72
CA PHE A 452 10.38 8.36 6.22
C PHE A 452 10.84 8.84 7.59
N LYS A 453 11.23 7.92 8.46
CA LYS A 453 11.72 8.30 9.79
C LYS A 453 13.05 9.02 9.71
N SER A 454 13.95 8.56 8.84
CA SER A 454 15.27 9.16 8.74
C SER A 454 15.24 10.53 8.09
N ALA A 455 14.21 10.81 7.28
CA ALA A 455 14.11 12.14 6.68
C ALA A 455 13.90 13.21 7.74
N ILE A 456 13.15 12.90 8.80
CA ILE A 456 12.81 13.89 9.81
C ILE A 456 14.08 14.38 10.49
N ASP A 457 14.30 15.69 10.43
CA ASP A 457 15.48 16.27 11.06
C ASP A 457 15.40 16.12 12.58
N LYS A 458 16.51 15.71 13.18
CA LYS A 458 16.53 15.46 14.62
C LYS A 458 16.39 16.74 15.43
N THR A 459 16.77 17.89 14.86
CA THR A 459 16.80 19.15 15.58
C THR A 459 15.63 20.06 15.24
N LYS A 460 14.59 19.52 14.60
CA LYS A 460 13.42 20.31 14.21
C LYS A 460 12.21 19.84 14.99
N SER A 461 11.44 20.79 15.51
CA SER A 461 10.25 20.51 16.30
C SER A 461 9.01 20.70 15.44
N ILE A 462 7.84 20.58 16.08
CA ILE A 462 6.59 20.78 15.35
C ILE A 462 6.45 22.24 14.93
N ARG A 463 7.08 23.16 15.66
CA ARG A 463 7.11 24.56 15.23
C ARG A 463 7.75 24.69 13.86
N ASP A 464 8.91 24.04 13.68
CA ASP A 464 9.60 24.11 12.40
C ASP A 464 8.81 23.42 11.29
N LEU A 465 8.18 22.28 11.61
CA LEU A 465 7.38 21.60 10.60
C LEU A 465 6.20 22.45 10.16
N PHE A 466 5.52 23.10 11.11
CA PHE A 466 4.42 23.98 10.75
C PHE A 466 4.90 25.22 10.01
N GLY A 467 6.10 25.70 10.34
CA GLY A 467 6.67 26.81 9.58
C GLY A 467 6.95 26.43 8.14
N ASP A 468 7.49 25.23 7.93
CA ASP A 468 7.68 24.74 6.56
C ASP A 468 6.35 24.58 5.84
N MET A 469 5.33 24.06 6.55
CA MET A 469 4.04 23.83 5.93
C MET A 469 3.37 25.15 5.54
N LEU A 470 3.46 26.17 6.40
CA LEU A 470 2.79 27.45 6.16
C LEU A 470 3.71 28.46 5.49
N PHE A 471 4.81 28.80 6.13
CA PHE A 471 5.67 29.86 5.62
C PHE A 471 6.47 29.42 4.41
N GLY A 472 6.77 28.14 4.29
CA GLY A 472 7.75 27.72 3.32
C GLY A 472 9.12 27.70 3.95
N ASN A 473 9.85 28.80 3.81
CA ASN A 473 11.18 28.97 4.39
C ASN A 473 11.18 28.66 5.89
N ASP A 474 12.36 28.36 6.44
CA ASP A 474 12.47 28.01 7.84
C ASP A 474 12.09 29.19 8.73
N LEU A 475 11.66 28.88 9.96
CA LEU A 475 11.17 29.92 10.86
C LEU A 475 12.26 30.95 11.18
N SER A 476 13.48 30.48 11.46
CA SER A 476 14.56 31.41 11.77
C SER A 476 14.90 32.31 10.58
N SER A 477 14.62 31.83 9.37
CA SER A 477 14.91 32.59 8.15
C SER A 477 13.69 33.29 7.59
N VAL A 478 12.57 33.26 8.31
CA VAL A 478 11.35 33.95 7.88
C VAL A 478 11.28 35.27 8.64
N LYS A 479 11.19 36.36 7.90
CA LYS A 479 11.13 37.69 8.50
C LYS A 479 9.73 37.96 9.01
N GLU A 480 9.63 38.50 10.23
CA GLU A 480 8.33 38.81 10.81
C GLU A 480 7.67 40.00 10.14
N THR A 481 8.44 40.83 9.43
CA THR A 481 7.85 42.00 8.78
C THR A 481 7.21 41.64 7.44
N ASP A 482 7.49 40.48 6.89
CA ASP A 482 6.89 40.07 5.63
C ASP A 482 5.43 39.70 5.84
N SER A 483 4.66 39.78 4.75
CA SER A 483 3.23 39.53 4.79
C SER A 483 2.96 38.07 4.43
N PHE A 484 2.39 37.32 5.38
CA PHE A 484 2.00 35.95 5.11
C PHE A 484 0.84 35.90 4.12
N ILE A 485 -0.21 36.67 4.38
CA ILE A 485 -1.40 36.75 3.54
C ILE A 485 -1.69 38.21 3.26
N THR A 486 -1.91 38.54 1.99
CA THR A 486 -2.25 39.90 1.59
C THR A 486 -3.63 39.89 0.94
N LEU A 487 -4.52 40.75 1.43
CA LEU A 487 -5.86 40.90 0.87
C LEU A 487 -5.87 42.12 -0.04
N GLY A 488 -6.22 41.90 -1.31
CA GLY A 488 -6.28 42.97 -2.28
C GLY A 488 -7.59 42.93 -3.04
N GLY A 489 -7.85 44.00 -3.78
CA GLY A 489 -9.07 44.08 -4.56
C GLY A 489 -10.20 44.73 -3.80
N SER A 490 -11.43 44.30 -4.06
CA SER A 490 -12.58 44.88 -3.40
C SER A 490 -13.77 43.94 -3.54
N PHE A 491 -14.68 44.00 -2.58
CA PHE A 491 -15.92 43.24 -2.65
C PHE A 491 -17.12 44.16 -2.51
N ASP A 492 -18.19 43.79 -3.19
CA ASP A 492 -19.36 44.66 -3.35
C ASP A 492 -20.47 44.26 -2.38
N ILE A 493 -21.20 45.26 -1.90
CA ILE A 493 -22.42 45.06 -1.14
C ILE A 493 -23.57 45.65 -1.96
N LYS A 494 -24.59 44.84 -2.20
CA LYS A 494 -25.60 45.10 -3.22
C LYS A 494 -26.99 45.07 -2.63
N TYR A 495 -27.21 45.84 -1.56
CA TYR A 495 -28.55 46.02 -1.00
C TYR A 495 -29.52 46.36 -2.13
N GLY A 496 -30.47 45.45 -2.38
CA GLY A 496 -31.39 45.64 -3.47
C GLY A 496 -32.76 45.09 -3.16
N GLY A 497 -33.70 45.41 -4.04
CA GLY A 497 -35.04 44.90 -3.89
C GLY A 497 -36.05 45.76 -4.62
N GLU A 498 -37.18 45.14 -4.94
CA GLU A 498 -38.31 45.82 -5.57
C GLU A 498 -39.58 45.52 -4.79
N ASN A 499 -40.40 46.54 -4.60
CA ASN A 499 -41.66 46.42 -3.85
C ASN A 499 -41.41 45.85 -2.46
N LEU A 500 -40.44 46.43 -1.76
CA LEU A 500 -40.03 45.95 -0.45
C LEU A 500 -40.84 46.66 0.63
N ASN A 501 -41.49 45.87 1.48
CA ASN A 501 -42.38 46.42 2.50
C ASN A 501 -41.59 47.17 3.57
N VAL A 502 -42.12 48.31 3.98
CA VAL A 502 -41.56 49.11 5.07
C VAL A 502 -42.60 49.13 6.19
N LEU A 503 -42.23 48.60 7.34
CA LEU A 503 -43.17 48.49 8.44
C LEU A 503 -42.54 48.98 9.74
N PRO A 504 -43.35 49.45 10.69
CA PRO A 504 -42.78 49.97 11.94
C PRO A 504 -42.00 48.89 12.69
N ALA A 505 -40.91 49.32 13.32
CA ALA A 505 -40.07 48.46 14.12
C ALA A 505 -39.93 49.07 15.51
N TYR A 506 -40.28 48.31 16.53
CA TYR A 506 -40.35 48.79 17.90
C TYR A 506 -39.23 48.19 18.73
N TYR A 507 -39.05 48.73 19.92
CA TYR A 507 -38.06 48.21 20.86
C TYR A 507 -38.60 46.95 21.53
N SER A 508 -37.84 46.40 22.48
CA SER A 508 -38.28 45.18 23.14
C SER A 508 -39.47 45.44 24.06
N LEU A 509 -39.47 46.56 24.78
CA LEU A 509 -40.52 46.90 25.71
C LEU A 509 -41.32 48.09 25.19
N ILE A 510 -42.26 48.56 26.01
CA ILE A 510 -43.07 49.72 25.63
C ILE A 510 -42.19 50.95 25.64
N ASN A 511 -42.13 51.65 24.51
CA ASN A 511 -41.30 52.83 24.38
C ASN A 511 -41.96 53.79 23.40
N SER A 512 -41.68 55.08 23.57
CA SER A 512 -42.19 56.09 22.66
C SER A 512 -41.32 56.28 21.43
N GLU A 513 -40.12 55.70 21.40
CA GLU A 513 -39.22 55.81 20.27
C GLU A 513 -39.43 54.62 19.34
N ILE A 514 -39.63 54.89 18.06
CA ILE A 514 -39.94 53.88 17.07
C ILE A 514 -39.03 54.08 15.87
N GLY A 515 -38.64 52.98 15.22
CA GLY A 515 -37.97 53.03 13.94
C GLY A 515 -38.83 52.39 12.87
N TYR A 516 -38.22 52.26 11.68
CA TYR A 516 -38.88 51.56 10.58
C TYR A 516 -37.93 50.54 10.00
N GLN A 517 -38.49 49.44 9.50
CA GLN A 517 -37.70 48.36 8.95
C GLN A 517 -38.18 48.03 7.55
N ILE A 518 -37.23 47.91 6.63
CA ILE A 518 -37.47 47.42 5.28
C ILE A 518 -37.13 45.93 5.28
N ILE A 519 -38.12 45.10 5.03
CA ILE A 519 -37.94 43.66 5.08
C ILE A 519 -37.64 43.13 3.69
N GLY A 520 -36.93 42.00 3.63
CA GLY A 520 -36.69 41.37 2.34
C GLY A 520 -35.64 42.05 1.49
N VAL A 521 -34.75 42.83 2.09
CA VAL A 521 -33.66 43.46 1.33
C VAL A 521 -32.66 42.38 0.94
N ASP A 522 -32.47 42.21 -0.37
CA ASP A 522 -31.45 41.28 -0.87
C ASP A 522 -30.09 41.92 -0.64
N THR A 523 -29.38 41.46 0.39
CA THR A 523 -28.07 42.01 0.75
C THR A 523 -26.99 41.09 0.17
N THR A 524 -26.77 41.23 -1.13
CA THR A 524 -25.80 40.40 -1.83
C THR A 524 -24.40 40.90 -1.51
N ILE A 525 -23.61 40.10 -0.82
CA ILE A 525 -22.22 40.41 -0.55
C ILE A 525 -21.42 39.67 -1.62
N ASP A 526 -21.22 40.33 -2.75
CA ASP A 526 -20.46 39.77 -3.86
C ASP A 526 -18.99 39.89 -3.44
N ALA A 527 -18.46 38.81 -2.87
CA ALA A 527 -17.10 38.82 -2.37
C ALA A 527 -16.06 38.61 -3.45
N THR A 528 -16.49 38.43 -4.71
CA THR A 528 -15.56 38.24 -5.81
C THR A 528 -14.73 39.52 -6.01
N LYS A 529 -13.77 39.46 -6.93
CA LYS A 529 -12.85 40.54 -7.23
C LYS A 529 -11.90 40.84 -6.08
N VAL A 530 -11.77 39.92 -5.13
CA VAL A 530 -10.79 40.02 -4.06
C VAL A 530 -9.74 38.94 -4.27
N LYS A 531 -8.50 39.25 -3.90
CA LYS A 531 -7.38 38.34 -4.06
C LYS A 531 -6.72 38.18 -2.70
N VAL A 532 -6.83 36.98 -2.13
CA VAL A 532 -6.20 36.64 -0.86
C VAL A 532 -4.94 35.86 -1.24
N GLU A 533 -3.84 36.57 -1.39
CA GLU A 533 -2.61 35.99 -1.95
C GLU A 533 -1.64 35.60 -0.85
N LEU A 534 -1.08 34.41 -0.97
CA LEU A 534 0.04 33.98 -0.13
C LEU A 534 1.31 34.53 -0.77
N LYS A 535 1.97 35.46 -0.08
CA LYS A 535 3.20 36.04 -0.63
C LYS A 535 4.29 35.00 -0.76
N ASN A 536 4.34 34.04 0.17
CA ASN A 536 5.32 32.95 0.13
C ASN A 536 4.63 31.71 -0.42
N LYS A 537 4.48 31.66 -1.74
CA LYS A 537 3.90 30.52 -2.43
C LYS A 537 4.94 29.54 -2.95
N GLU A 538 6.21 29.76 -2.66
CA GLU A 538 7.28 28.86 -3.07
C GLU A 538 8.16 28.54 -1.88
N TYR A 539 8.70 27.33 -1.87
CA TYR A 539 9.52 26.86 -0.75
C TYR A 539 10.92 27.47 -0.88
N LYS A 540 11.27 28.35 0.07
CA LYS A 540 12.59 28.96 0.11
C LYS A 540 13.46 28.41 1.23
N GLY A 541 13.01 27.34 1.90
CA GLY A 541 13.76 26.83 3.03
C GLY A 541 15.05 26.16 2.62
N LYS A 542 16.06 26.28 3.47
CA LYS A 542 17.35 25.66 3.25
C LYS A 542 17.62 24.46 4.14
N SER A 543 16.93 24.36 5.28
CA SER A 543 17.07 23.22 6.20
C SER A 543 15.68 22.70 6.52
N PRO A 544 15.03 22.03 5.58
CA PRO A 544 13.68 21.51 5.84
C PRO A 544 13.69 20.42 6.89
N ALA A 545 12.57 20.31 7.60
CA ALA A 545 12.44 19.31 8.65
C ALA A 545 12.45 17.90 8.09
N ILE A 546 11.80 17.70 6.94
CA ILE A 546 11.68 16.37 6.34
C ILE A 546 12.35 16.37 4.96
N ASN A 547 13.44 17.10 4.82
CA ASN A 547 14.15 17.17 3.56
C ASN A 547 14.71 15.80 3.16
N GLY A 548 15.16 15.71 1.91
CA GLY A 548 15.75 14.54 1.33
C GLY A 548 15.06 14.17 0.04
N GLN A 549 15.28 12.93 -0.39
CA GLN A 549 14.56 12.42 -1.56
C GLN A 549 13.10 12.13 -1.26
N VAL A 550 12.70 12.20 0.00
CA VAL A 550 11.32 11.98 0.41
C VAL A 550 10.83 13.29 1.04
N LYS A 551 11.27 14.41 0.47
CA LYS A 551 10.88 15.73 0.97
C LYS A 551 9.38 15.82 1.18
N LEU A 552 8.97 15.94 2.44
CA LEU A 552 7.57 16.05 2.80
C LEU A 552 7.18 17.43 3.29
N SER A 553 8.12 18.16 3.89
CA SER A 553 7.84 19.54 4.26
C SER A 553 7.53 20.39 3.04
N GLN A 554 8.27 20.19 1.95
CA GLN A 554 7.93 20.85 0.69
C GLN A 554 6.59 20.36 0.16
N SER A 555 6.35 19.05 0.21
CA SER A 555 5.06 18.52 -0.20
C SER A 555 3.94 19.03 0.69
N PHE A 556 4.18 19.10 2.00
CA PHE A 556 3.18 19.64 2.91
C PHE A 556 2.90 21.11 2.63
N PHE A 557 3.95 21.86 2.29
CA PHE A 557 3.78 23.27 1.95
C PHE A 557 2.95 23.44 0.67
N ASN A 558 3.23 22.61 -0.34
CA ASN A 558 2.43 22.67 -1.56
C ASN A 558 0.98 22.29 -1.29
N VAL A 559 0.77 21.29 -0.44
CA VAL A 559 -0.59 20.91 -0.06
C VAL A 559 -1.28 22.07 0.64
N TRP A 560 -0.57 22.75 1.54
CA TRP A 560 -1.15 23.90 2.23
C TRP A 560 -1.51 25.01 1.26
N THR A 561 -0.63 25.29 0.30
CA THR A 561 -0.91 26.34 -0.67
C THR A 561 -2.13 25.99 -1.52
N ASN A 562 -2.21 24.75 -1.99
CA ASN A 562 -3.36 24.34 -2.80
C ASN A 562 -4.65 24.40 -1.98
N MET A 563 -4.60 23.93 -0.73
CA MET A 563 -5.81 23.98 0.10
C MET A 563 -6.19 25.41 0.44
N PHE A 564 -5.21 26.30 0.58
CA PHE A 564 -5.51 27.71 0.81
C PHE A 564 -6.20 28.33 -0.40
N ASP A 565 -5.72 28.01 -1.59
CA ASP A 565 -6.38 28.49 -2.81
C ASP A 565 -7.81 27.95 -2.88
N SER A 566 -7.98 26.66 -2.56
CA SER A 566 -9.33 26.09 -2.57
C SER A 566 -10.24 26.79 -1.57
N ILE A 567 -9.74 27.06 -0.37
CA ILE A 567 -10.55 27.72 0.66
C ILE A 567 -10.92 29.12 0.21
N THR A 568 -9.96 29.88 -0.31
CA THR A 568 -10.27 31.21 -0.81
C THR A 568 -11.15 31.19 -2.04
N LYS A 569 -11.27 30.05 -2.72
CA LYS A 569 -12.20 29.94 -3.84
C LYS A 569 -13.60 29.53 -3.41
N GLN A 570 -13.75 28.78 -2.32
CA GLN A 570 -15.07 28.32 -1.89
C GLN A 570 -15.53 28.97 -0.59
N ILE A 571 -14.75 28.88 0.48
CA ILE A 571 -15.15 29.50 1.75
C ILE A 571 -15.16 31.03 1.59
N PHE A 572 -14.12 31.57 0.96
CA PHE A 572 -14.08 32.96 0.55
C PHE A 572 -14.88 33.12 -0.73
N GLN A 573 -14.60 34.18 -1.50
CA GLN A 573 -15.53 34.76 -2.47
C GLN A 573 -16.40 33.73 -3.17
N GLY B 1 -6.69 -70.34 -30.08
CA GLY B 1 -6.21 -70.34 -28.72
C GLY B 1 -7.18 -69.67 -27.78
N VAL B 2 -6.66 -69.25 -26.62
CA VAL B 2 -7.45 -68.66 -25.55
C VAL B 2 -6.90 -67.27 -25.28
N ASP B 3 -7.77 -66.27 -25.31
CA ASP B 3 -7.31 -64.89 -25.43
C ASP B 3 -6.51 -64.38 -24.24
N VAL B 4 -7.18 -64.05 -23.12
CA VAL B 4 -6.46 -63.59 -21.93
C VAL B 4 -7.03 -64.26 -20.68
N PHE B 5 -8.31 -64.61 -20.73
CA PHE B 5 -9.03 -65.09 -19.55
C PHE B 5 -9.48 -66.52 -19.65
N GLU B 6 -9.79 -67.02 -20.85
CA GLU B 6 -9.90 -68.46 -21.02
C GLU B 6 -8.57 -69.13 -20.81
N ALA B 7 -7.47 -68.40 -20.97
CA ALA B 7 -6.16 -68.94 -20.61
C ALA B 7 -6.02 -69.12 -19.11
N GLN B 8 -6.55 -68.20 -18.32
CA GLN B 8 -6.47 -68.29 -16.87
C GLN B 8 -7.63 -69.18 -16.39
N LYS B 9 -7.80 -70.30 -17.05
CA LYS B 9 -8.69 -71.38 -16.65
C LYS B 9 -7.97 -72.73 -16.65
N ASN B 10 -7.06 -72.94 -17.60
CA ASN B 10 -6.22 -74.12 -17.66
C ASN B 10 -4.77 -73.84 -17.30
N LEU B 11 -4.45 -72.59 -16.96
CA LEU B 11 -3.08 -72.22 -16.60
C LEU B 11 -2.87 -72.14 -15.10
N VAL B 12 -3.90 -71.80 -14.33
CA VAL B 12 -3.83 -71.76 -12.88
C VAL B 12 -4.89 -72.70 -12.31
N GLY B 13 -4.67 -73.14 -11.08
CA GLY B 13 -5.59 -74.06 -10.44
C GLY B 13 -5.03 -74.70 -9.19
N LYS B 14 -5.22 -76.02 -9.06
CA LYS B 14 -4.68 -76.76 -7.93
C LYS B 14 -3.31 -77.35 -8.27
N GLY B 15 -3.24 -78.14 -9.33
CA GLY B 15 -1.98 -78.72 -9.77
C GLY B 15 -1.74 -78.44 -11.24
N LYS B 16 -2.19 -77.27 -11.70
CA LYS B 16 -2.08 -76.90 -13.10
C LYS B 16 -0.77 -76.14 -13.33
N TYR B 17 -0.63 -75.50 -14.49
CA TYR B 17 0.67 -75.05 -14.95
C TYR B 17 1.29 -74.03 -14.01
N LEU B 18 0.62 -72.88 -13.81
CA LEU B 18 1.25 -71.79 -13.08
C LEU B 18 1.55 -72.17 -11.64
N ASN B 19 0.62 -72.87 -10.98
CA ASN B 19 0.81 -73.23 -9.58
C ASN B 19 2.00 -74.17 -9.41
N THR B 20 2.12 -75.16 -10.29
CA THR B 20 3.21 -76.13 -10.18
C THR B 20 4.51 -75.64 -10.78
N HIS B 21 4.50 -74.54 -11.52
CA HIS B 21 5.70 -73.99 -12.13
C HIS B 21 6.18 -72.72 -11.45
N VAL B 22 5.51 -72.26 -10.40
CA VAL B 22 5.91 -71.09 -9.64
C VAL B 22 6.05 -71.51 -8.19
N LYS B 23 7.24 -71.30 -7.62
CA LYS B 23 7.54 -71.75 -6.27
C LYS B 23 7.63 -70.57 -5.31
N ALA B 24 7.43 -70.86 -4.02
CA ALA B 24 7.48 -69.82 -3.00
C ALA B 24 8.86 -69.16 -2.96
N GLU B 25 9.91 -69.97 -3.00
CA GLU B 25 11.26 -69.41 -3.06
C GLU B 25 11.45 -68.61 -4.35
N ASP B 26 10.89 -69.10 -5.45
CA ASP B 26 10.96 -68.35 -6.70
C ASP B 26 10.23 -67.02 -6.59
N VAL B 27 9.06 -67.01 -5.95
CA VAL B 27 8.34 -65.75 -5.77
C VAL B 27 9.16 -64.79 -4.93
N LYS B 28 9.75 -65.27 -3.85
CA LYS B 28 10.54 -64.40 -2.98
C LYS B 28 11.73 -63.83 -3.73
N LYS B 29 12.45 -64.68 -4.46
CA LYS B 29 13.65 -64.20 -5.16
C LYS B 29 13.28 -63.24 -6.28
N ASP B 30 12.17 -63.48 -6.98
CA ASP B 30 11.78 -62.56 -8.04
C ASP B 30 11.28 -61.24 -7.47
N VAL B 31 10.58 -61.27 -6.33
CA VAL B 31 10.13 -60.03 -5.71
C VAL B 31 11.32 -59.20 -5.25
N ASN B 32 12.29 -59.84 -4.61
CA ASN B 32 13.50 -59.12 -4.20
C ASN B 32 14.26 -58.59 -5.41
N ALA B 33 14.41 -59.42 -6.45
CA ALA B 33 15.13 -59.00 -7.64
C ALA B 33 14.41 -57.91 -8.40
N ASN B 34 13.09 -57.78 -8.24
CA ASN B 34 12.38 -56.67 -8.86
C ASN B 34 12.90 -55.34 -8.33
N ILE B 35 12.92 -55.18 -7.01
CA ILE B 35 13.44 -53.96 -6.42
C ILE B 35 14.92 -53.81 -6.72
N LYS B 36 15.68 -54.91 -6.61
CA LYS B 36 17.12 -54.83 -6.86
C LYS B 36 17.42 -54.38 -8.28
N ASN B 37 16.71 -54.93 -9.26
CA ASN B 37 16.94 -54.58 -10.65
C ASN B 37 16.42 -53.19 -10.97
N GLN B 38 15.31 -52.77 -10.37
CA GLN B 38 14.86 -51.39 -10.56
C GLN B 38 15.90 -50.39 -10.06
N PHE B 39 16.43 -50.65 -8.86
CA PHE B 39 17.48 -49.78 -8.33
C PHE B 39 18.74 -49.84 -9.20
N ASP B 40 19.10 -51.04 -9.66
CA ASP B 40 20.31 -51.17 -10.47
C ASP B 40 20.17 -50.46 -11.81
N ILE B 41 19.02 -50.59 -12.48
CA ILE B 41 18.83 -49.88 -13.75
C ILE B 41 18.75 -48.38 -13.51
N ALA B 42 18.16 -47.94 -12.40
CA ALA B 42 18.17 -46.51 -12.11
C ALA B 42 19.60 -46.00 -11.93
N LYS B 43 20.42 -46.75 -11.19
CA LYS B 43 21.81 -46.34 -10.99
C LYS B 43 22.60 -46.36 -12.29
N ILE B 44 22.38 -47.37 -13.13
CA ILE B 44 23.09 -47.44 -14.40
C ILE B 44 22.64 -46.33 -15.34
N ILE B 45 21.36 -45.99 -15.33
CA ILE B 45 20.88 -44.85 -16.11
C ILE B 45 21.54 -43.57 -15.62
N ALA B 46 21.59 -43.38 -14.29
CA ALA B 46 22.17 -42.17 -13.73
C ALA B 46 23.65 -42.06 -14.06
N GLU B 47 24.39 -43.17 -14.00
CA GLU B 47 25.81 -43.14 -14.34
C GLU B 47 26.00 -42.99 -15.84
N LEU B 48 25.08 -43.50 -16.65
CA LEU B 48 25.19 -43.42 -18.10
C LEU B 48 25.15 -41.96 -18.56
N MET B 49 24.15 -41.21 -18.12
CA MET B 49 24.17 -39.76 -18.31
C MET B 49 24.97 -39.20 -17.14
N GLY B 50 26.27 -39.04 -17.36
CA GLY B 50 27.21 -38.78 -16.29
C GLY B 50 28.52 -39.47 -16.62
N LYS B 51 28.44 -40.42 -17.55
CA LYS B 51 29.60 -40.95 -18.25
C LYS B 51 29.64 -40.49 -19.69
N ALA B 52 28.48 -40.45 -20.37
CA ALA B 52 28.38 -39.80 -21.66
C ALA B 52 28.34 -38.29 -21.55
N LEU B 53 27.71 -37.77 -20.48
CA LEU B 53 27.65 -36.33 -20.28
C LEU B 53 29.04 -35.74 -20.03
N LYS B 54 29.90 -36.49 -19.33
CA LYS B 54 31.27 -36.02 -19.13
C LYS B 54 32.01 -35.89 -20.45
N GLU B 55 31.86 -36.88 -21.34
CA GLU B 55 32.48 -36.80 -22.65
C GLU B 55 31.91 -35.66 -23.47
N PHE B 56 30.59 -35.44 -23.36
CA PHE B 56 29.97 -34.29 -24.04
C PHE B 56 30.58 -32.99 -23.57
N GLY B 57 30.65 -32.79 -22.25
CA GLY B 57 31.13 -31.53 -21.71
C GLY B 57 32.61 -31.29 -21.96
N ASN B 58 33.41 -32.34 -21.81
CA ASN B 58 34.86 -32.18 -21.93
C ASN B 58 35.34 -31.99 -23.35
N GLN B 59 34.47 -32.13 -24.35
CA GLN B 59 34.88 -31.96 -25.73
C GLN B 59 35.26 -30.51 -26.00
N GLN B 60 36.36 -30.32 -26.73
CA GLN B 60 36.85 -28.98 -27.04
C GLN B 60 35.92 -28.29 -28.02
N GLU B 61 35.94 -26.96 -28.00
CA GLU B 61 35.11 -26.19 -28.91
C GLU B 61 35.61 -26.34 -30.34
N GLY B 62 34.67 -26.48 -31.28
CA GLY B 62 35.00 -26.64 -32.67
C GLY B 62 35.29 -28.06 -33.11
N GLN B 63 35.32 -29.00 -32.17
CA GLN B 63 35.55 -30.40 -32.51
C GLN B 63 34.24 -31.17 -32.38
N PRO B 64 33.60 -31.55 -33.48
CA PRO B 64 32.30 -32.22 -33.37
C PRO B 64 32.41 -33.57 -32.69
N LEU B 65 31.40 -33.90 -31.90
CA LEU B 65 31.30 -35.21 -31.24
C LEU B 65 29.86 -35.64 -31.33
N SER B 66 29.61 -36.68 -32.12
CA SER B 66 28.24 -37.08 -32.43
C SER B 66 27.59 -37.74 -31.21
N PHE B 67 26.28 -37.95 -31.32
CA PHE B 67 25.54 -38.64 -30.28
C PHE B 67 25.95 -40.10 -30.16
N LEU B 68 26.53 -40.68 -31.22
CA LEU B 68 26.88 -42.09 -31.25
C LEU B 68 28.36 -42.36 -31.05
N LYS B 69 29.22 -41.40 -31.40
CA LYS B 69 30.65 -41.55 -31.12
C LYS B 69 30.89 -41.61 -29.61
N VAL B 70 30.09 -40.88 -28.83
CA VAL B 70 30.14 -41.00 -27.39
C VAL B 70 29.38 -42.24 -26.91
N MET B 71 28.44 -42.76 -27.70
CA MET B 71 27.71 -43.95 -27.28
C MET B 71 28.65 -45.13 -27.12
N ASP B 72 29.67 -45.22 -27.98
CA ASP B 72 30.66 -46.28 -27.87
C ASP B 72 31.42 -46.19 -26.56
N LYS B 73 31.78 -44.97 -26.15
CA LYS B 73 32.53 -44.80 -24.92
C LYS B 73 31.76 -45.28 -23.70
N VAL B 74 30.45 -45.44 -23.81
CA VAL B 74 29.62 -45.99 -22.75
C VAL B 74 28.87 -47.24 -23.22
N LYS B 75 29.29 -47.83 -24.34
CA LYS B 75 28.50 -48.91 -24.95
C LYS B 75 28.26 -50.04 -23.97
N GLU B 76 29.32 -50.48 -23.27
CA GLU B 76 29.18 -51.58 -22.33
C GLU B 76 28.13 -51.26 -21.28
N ASP B 77 28.11 -50.02 -20.79
CA ASP B 77 27.11 -49.63 -19.80
C ASP B 77 25.71 -49.88 -20.34
N PHE B 78 25.46 -49.47 -21.59
CA PHE B 78 24.17 -49.74 -22.20
C PHE B 78 23.85 -51.23 -22.12
N GLU B 79 24.81 -52.07 -22.50
CA GLU B 79 24.61 -53.50 -22.39
C GLU B 79 24.20 -53.87 -20.98
N LYS B 80 24.98 -53.42 -19.98
CA LYS B 80 24.62 -53.68 -18.59
C LYS B 80 23.20 -53.23 -18.33
N LEU B 81 22.90 -51.97 -18.67
CA LEU B 81 21.54 -51.46 -18.48
C LEU B 81 20.54 -52.41 -19.10
N PHE B 82 20.75 -52.76 -20.35
CA PHE B 82 19.75 -53.53 -21.07
C PHE B 82 19.92 -55.02 -20.84
N ASN B 83 20.97 -55.44 -20.14
CA ASN B 83 20.98 -56.81 -19.64
C ASN B 83 20.38 -56.90 -18.25
N LEU B 84 19.94 -55.77 -17.69
CA LEU B 84 19.20 -55.77 -16.43
C LEU B 84 17.72 -55.46 -16.64
N VAL B 85 17.38 -54.69 -17.67
CA VAL B 85 15.98 -54.44 -17.99
C VAL B 85 15.32 -55.72 -18.47
N ARG B 86 15.98 -56.45 -19.36
CA ARG B 86 15.48 -57.72 -19.87
C ARG B 86 16.64 -58.67 -20.11
N PRO B 87 16.64 -59.84 -19.47
CA PRO B 87 17.71 -60.81 -19.70
C PRO B 87 17.90 -61.11 -21.18
N GLY B 88 19.16 -61.16 -21.61
CA GLY B 88 19.49 -61.45 -22.99
C GLY B 88 19.55 -60.24 -23.89
N LEU B 89 19.02 -59.09 -23.46
CA LEU B 89 19.06 -57.88 -24.27
C LEU B 89 20.32 -57.08 -23.97
N GLY B 90 21.46 -57.77 -23.95
CA GLY B 90 22.71 -57.12 -23.64
C GLY B 90 23.57 -56.93 -24.87
N LYS B 91 23.61 -57.95 -25.73
CA LYS B 91 24.37 -57.83 -26.97
C LYS B 91 23.62 -56.98 -27.99
N PHE B 92 22.30 -56.97 -27.95
CA PHE B 92 21.53 -56.29 -29.00
C PHE B 92 21.77 -54.78 -28.98
N VAL B 93 21.64 -54.15 -27.81
CA VAL B 93 21.78 -52.69 -27.75
C VAL B 93 23.22 -52.28 -27.95
N LYS B 94 24.17 -53.04 -27.37
CA LYS B 94 25.58 -52.75 -27.57
C LYS B 94 25.97 -52.90 -29.04
N ASP B 95 25.31 -53.81 -29.76
CA ASP B 95 25.52 -53.92 -31.19
C ASP B 95 24.81 -52.81 -31.95
N LEU B 96 23.62 -52.42 -31.48
CA LEU B 96 22.82 -51.41 -32.16
C LEU B 96 23.54 -50.08 -32.17
N ILE B 97 24.09 -49.67 -31.03
CA ILE B 97 24.74 -48.36 -30.97
C ILE B 97 26.12 -48.39 -31.62
N GLN B 98 26.60 -49.55 -32.06
CA GLN B 98 27.79 -49.65 -32.88
C GLN B 98 27.49 -49.76 -34.36
N SER B 99 26.22 -49.78 -34.75
CA SER B 99 25.83 -49.90 -36.15
C SER B 99 25.57 -48.51 -36.73
N SER B 100 26.67 -47.78 -36.92
CA SER B 100 26.61 -46.45 -37.50
C SER B 100 27.98 -46.11 -38.07
N SER B 101 28.01 -45.13 -38.96
CA SER B 101 29.28 -44.70 -39.53
C SER B 101 30.15 -44.02 -38.48
N GLN B 102 29.55 -43.44 -37.45
CA GLN B 102 30.30 -42.75 -36.41
C GLN B 102 30.87 -43.71 -35.37
N ALA B 103 30.42 -44.97 -35.34
CA ALA B 103 30.96 -45.94 -34.41
C ALA B 103 32.40 -46.29 -34.75
N GLU B 104 33.18 -46.58 -33.71
CA GLU B 104 34.58 -46.95 -33.92
C GLU B 104 34.71 -48.25 -34.71
N ASN B 105 33.89 -49.25 -34.37
CA ASN B 105 33.92 -50.54 -35.03
C ASN B 105 32.54 -50.80 -35.64
N LYS B 106 32.43 -50.58 -36.95
CA LYS B 106 31.15 -50.75 -37.63
C LYS B 106 30.76 -52.23 -37.68
N ILE B 107 29.48 -52.49 -37.48
CA ILE B 107 28.92 -53.83 -37.69
C ILE B 107 27.65 -53.68 -38.52
N THR B 108 27.48 -54.58 -39.48
CA THR B 108 26.39 -54.46 -40.44
C THR B 108 25.05 -54.75 -39.76
N VAL B 109 23.97 -54.40 -40.46
CA VAL B 109 22.63 -54.71 -39.96
C VAL B 109 22.42 -56.21 -39.90
N TYR B 110 22.99 -56.94 -40.86
CA TYR B 110 22.85 -58.39 -40.85
C TYR B 110 23.56 -59.01 -39.65
N LYS B 111 24.75 -58.51 -39.31
CA LYS B 111 25.41 -58.96 -38.09
C LYS B 111 24.59 -58.60 -36.86
N LEU B 112 23.97 -57.43 -36.87
CA LEU B 112 23.12 -57.01 -35.76
C LEU B 112 21.89 -57.90 -35.62
N ILE B 113 21.40 -58.46 -36.72
CA ILE B 113 20.13 -59.16 -36.72
C ILE B 113 20.31 -60.66 -36.48
N PHE B 114 21.23 -61.29 -37.19
CA PHE B 114 21.38 -62.74 -37.08
C PHE B 114 21.84 -63.16 -35.70
N ASP B 115 22.77 -62.40 -35.09
CA ASP B 115 23.34 -62.79 -33.81
C ASP B 115 22.27 -62.86 -32.72
N ASN B 116 21.65 -61.73 -32.40
CA ASN B 116 20.60 -61.69 -31.38
C ASN B 116 19.22 -61.73 -32.03
N LYS B 117 18.99 -62.80 -32.80
CA LYS B 117 17.69 -62.98 -33.44
C LYS B 117 16.59 -63.18 -32.41
N LYS B 118 16.88 -63.96 -31.36
CA LYS B 118 15.85 -64.26 -30.36
C LYS B 118 15.43 -62.99 -29.63
N THR B 119 16.40 -62.13 -29.28
CA THR B 119 16.09 -60.88 -28.61
C THR B 119 15.23 -59.97 -29.49
N ILE B 120 15.56 -59.89 -30.78
CA ILE B 120 14.73 -59.12 -31.71
C ILE B 120 13.34 -59.69 -31.77
N LEU B 121 13.22 -61.02 -31.74
CA LEU B 121 11.91 -61.66 -31.76
C LEU B 121 11.09 -61.25 -30.52
N ASN B 122 11.72 -61.27 -29.35
CA ASN B 122 11.00 -60.85 -28.14
C ASN B 122 10.58 -59.39 -28.22
N LEU B 123 11.49 -58.52 -28.69
CA LEU B 123 11.16 -57.10 -28.78
C LEU B 123 10.03 -56.84 -29.77
N LEU B 124 10.04 -57.52 -30.92
CA LEU B 124 8.96 -57.38 -31.88
C LEU B 124 7.65 -57.92 -31.31
N LYS B 125 7.70 -59.04 -30.59
CA LYS B 125 6.51 -59.56 -29.94
C LYS B 125 6.02 -58.67 -28.81
N GLU B 126 6.87 -57.76 -28.33
CA GLU B 126 6.45 -56.80 -27.31
C GLU B 126 5.79 -55.56 -27.91
N LEU B 127 5.83 -55.40 -29.23
CA LEU B 127 5.18 -54.25 -29.86
C LEU B 127 3.67 -54.38 -29.75
N SER B 128 3.01 -53.23 -29.60
CA SER B 128 1.56 -53.23 -29.33
C SER B 128 0.73 -53.62 -30.54
N ILE B 129 1.28 -53.52 -31.74
CA ILE B 129 0.49 -53.76 -32.96
C ILE B 129 0.32 -55.26 -33.16
N PRO B 130 -0.92 -55.75 -33.31
CA PRO B 130 -1.09 -57.19 -33.56
C PRO B 130 -0.54 -57.64 -34.90
N GLU B 131 -0.74 -56.86 -35.96
CA GLU B 131 -0.47 -57.32 -37.32
C GLU B 131 0.97 -57.72 -37.54
N LEU B 132 1.89 -57.22 -36.71
CA LEU B 132 3.29 -57.61 -36.84
C LEU B 132 3.48 -59.11 -36.73
N ASN B 133 2.61 -59.79 -35.98
CA ASN B 133 2.74 -61.23 -35.84
C ASN B 133 2.60 -61.94 -37.19
N SER B 134 1.84 -61.35 -38.11
CA SER B 134 1.76 -61.92 -39.46
C SER B 134 3.12 -61.95 -40.13
N SER B 135 3.91 -60.88 -39.95
CA SER B 135 5.28 -60.89 -40.43
C SER B 135 6.21 -61.74 -39.58
N LEU B 136 5.80 -62.08 -38.36
CA LEU B 136 6.60 -62.89 -37.47
C LEU B 136 6.46 -64.39 -37.70
N GLY B 137 5.48 -64.80 -38.52
CA GLY B 137 5.29 -66.21 -38.78
C GLY B 137 6.34 -66.82 -39.68
N LEU B 138 7.03 -66.01 -40.47
CA LEU B 138 8.06 -66.49 -41.37
C LEU B 138 9.47 -66.31 -40.83
N VAL B 139 9.62 -65.77 -39.61
CA VAL B 139 10.95 -65.54 -39.05
C VAL B 139 11.67 -66.86 -38.82
N ASP B 140 10.98 -67.84 -38.24
CA ASP B 140 11.59 -69.15 -38.02
C ASP B 140 11.96 -69.81 -39.34
N VAL B 141 11.07 -69.72 -40.33
CA VAL B 141 11.40 -70.24 -41.66
C VAL B 141 12.54 -69.45 -42.28
N LEU B 142 12.60 -68.15 -41.99
CA LEU B 142 13.68 -67.32 -42.51
C LEU B 142 15.04 -67.75 -41.96
N PHE B 143 15.11 -68.09 -40.68
CA PHE B 143 16.37 -68.39 -40.03
C PHE B 143 16.74 -69.87 -40.04
N ASP B 144 15.96 -70.70 -40.74
CA ASP B 144 16.29 -72.12 -40.83
C ASP B 144 17.51 -72.34 -41.70
N GLY B 145 18.41 -73.20 -41.24
CA GLY B 145 19.57 -73.59 -42.03
C GLY B 145 20.51 -72.45 -42.36
N ILE B 146 20.79 -71.60 -41.38
CA ILE B 146 21.68 -70.45 -41.57
C ILE B 146 22.73 -70.47 -40.47
N THR B 147 24.01 -70.41 -40.87
CA THR B 147 25.11 -70.49 -39.92
C THR B 147 25.86 -69.17 -39.75
N ASP B 148 25.62 -68.19 -40.62
CA ASP B 148 26.32 -66.91 -40.55
C ASP B 148 25.45 -65.83 -41.17
N SER B 149 25.83 -64.57 -40.93
CA SER B 149 25.06 -63.45 -41.45
C SER B 149 25.08 -63.41 -42.98
N ASP B 150 26.14 -63.95 -43.59
CA ASP B 150 26.20 -64.00 -45.05
C ASP B 150 25.08 -64.86 -45.62
N GLY B 151 24.83 -66.02 -45.00
CA GLY B 151 23.74 -66.86 -45.45
C GLY B 151 22.38 -66.21 -45.26
N LEU B 152 22.21 -65.49 -44.16
CA LEU B 152 20.96 -64.76 -43.94
C LEU B 152 20.77 -63.68 -45.01
N TYR B 153 21.85 -62.97 -45.35
CA TYR B 153 21.78 -61.96 -46.40
C TYR B 153 21.41 -62.60 -47.74
N GLU B 154 22.02 -63.75 -48.05
CA GLU B 154 21.70 -64.43 -49.29
C GLU B 154 20.25 -64.89 -49.33
N ARG B 155 19.75 -65.43 -48.22
CA ARG B 155 18.36 -65.90 -48.20
C ARG B 155 17.37 -64.75 -48.26
N LEU B 156 17.67 -63.61 -47.62
CA LEU B 156 16.81 -62.45 -47.77
C LEU B 156 16.85 -61.91 -49.19
N GLN B 157 18.01 -61.94 -49.85
CA GLN B 157 18.04 -61.57 -51.26
C GLN B 157 17.21 -62.51 -52.12
N SER B 158 17.24 -63.81 -51.79
CA SER B 158 16.40 -64.76 -52.51
C SER B 158 14.92 -64.47 -52.30
N PHE B 159 14.54 -64.15 -51.06
CA PHE B 159 13.14 -63.91 -50.72
C PHE B 159 12.67 -62.50 -51.05
N LYS B 160 13.57 -61.61 -51.48
CA LYS B 160 13.19 -60.22 -51.75
C LYS B 160 12.10 -60.14 -52.82
N ASP B 161 12.16 -61.01 -53.82
CA ASP B 161 11.20 -60.98 -54.92
C ASP B 161 9.76 -61.18 -54.44
N LEU B 162 9.57 -61.78 -53.26
CA LEU B 162 8.26 -61.88 -52.65
C LEU B 162 8.07 -60.89 -51.52
N ILE B 163 9.15 -60.52 -50.83
CA ILE B 163 9.04 -59.61 -49.69
C ILE B 163 8.63 -58.20 -50.15
N VAL B 164 9.31 -57.68 -51.16
CA VAL B 164 9.12 -56.27 -51.52
C VAL B 164 7.77 -56.02 -52.19
N PRO B 165 7.19 -56.92 -52.99
CA PRO B 165 5.83 -56.64 -53.48
C PRO B 165 4.80 -56.63 -52.37
N ALA B 166 4.95 -57.50 -51.37
CA ALA B 166 4.03 -57.49 -50.23
C ALA B 166 4.15 -56.19 -49.44
N VAL B 167 5.37 -55.70 -49.26
CA VAL B 167 5.57 -54.43 -48.57
C VAL B 167 4.95 -53.29 -49.36
N LYS B 168 5.16 -53.27 -50.68
CA LYS B 168 4.63 -52.19 -51.50
C LYS B 168 3.11 -52.21 -51.53
N THR B 169 2.50 -53.40 -51.64
CA THR B 169 1.05 -53.51 -51.72
C THR B 169 0.37 -53.12 -50.42
N ASN B 170 1.04 -53.25 -49.28
CA ASN B 170 0.48 -52.89 -47.99
C ASN B 170 0.53 -51.39 -47.82
N GLU B 171 -0.63 -50.77 -47.59
CA GLU B 171 -0.70 -49.32 -47.46
C GLU B 171 0.06 -48.84 -46.22
N LYS B 172 0.01 -49.61 -45.13
CA LYS B 172 0.69 -49.21 -43.91
C LYS B 172 2.20 -49.15 -44.12
N THR B 173 2.75 -50.12 -44.85
CA THR B 173 4.19 -50.15 -45.14
C THR B 173 4.51 -49.61 -46.52
N ALA B 174 3.54 -48.95 -47.19
CA ALA B 174 3.80 -48.41 -48.52
C ALA B 174 4.88 -47.35 -48.50
N ALA B 175 4.82 -46.44 -47.51
CA ALA B 175 5.89 -45.45 -47.36
C ALA B 175 7.21 -46.08 -46.94
N LEU B 176 7.17 -47.25 -46.30
CA LEU B 176 8.37 -47.92 -45.84
C LEU B 176 9.14 -48.57 -46.98
N SER B 177 8.56 -48.65 -48.18
CA SER B 177 9.15 -49.42 -49.27
C SER B 177 10.62 -49.11 -49.54
N PRO B 178 11.07 -47.85 -49.57
CA PRO B 178 12.51 -47.63 -49.79
C PRO B 178 13.39 -48.29 -48.74
N LEU B 179 13.00 -48.25 -47.47
CA LEU B 179 13.83 -48.74 -46.37
C LEU B 179 14.26 -50.18 -46.59
N ILE B 180 13.30 -51.10 -46.54
CA ILE B 180 13.61 -52.51 -46.77
C ILE B 180 14.33 -52.69 -48.08
N GLU B 181 14.11 -51.78 -49.03
CA GLU B 181 14.82 -51.82 -50.31
C GLU B 181 16.32 -51.95 -50.08
N GLU B 182 16.95 -50.96 -49.43
CA GLU B 182 18.39 -51.13 -49.26
C GLU B 182 18.72 -52.15 -48.18
N LEU B 183 17.74 -52.53 -47.35
CA LEU B 183 17.96 -53.66 -46.47
C LEU B 183 18.22 -54.95 -47.23
N LEU B 184 17.86 -55.00 -48.52
CA LEU B 184 18.26 -56.09 -49.39
C LEU B 184 19.19 -55.64 -50.51
N THR B 185 19.63 -54.38 -50.52
CA THR B 185 20.46 -53.90 -51.62
C THR B 185 21.93 -53.83 -51.27
N GLN B 186 22.27 -53.42 -50.05
CA GLN B 186 23.65 -53.30 -49.62
C GLN B 186 23.92 -54.26 -48.46
N LYS B 187 25.06 -54.95 -48.53
CA LYS B 187 25.47 -55.87 -47.47
C LYS B 187 26.09 -55.14 -46.28
N ASP B 188 26.38 -53.85 -46.40
CA ASP B 188 26.99 -53.05 -45.35
C ASP B 188 25.99 -52.06 -44.77
N THR B 189 24.75 -52.50 -44.59
CA THR B 189 23.72 -51.66 -44.02
C THR B 189 23.99 -51.37 -42.55
N TYR B 190 23.71 -50.14 -42.14
CA TYR B 190 23.80 -49.74 -40.73
C TYR B 190 22.48 -49.12 -40.31
N VAL B 191 22.00 -49.50 -39.13
CA VAL B 191 20.68 -49.05 -38.68
C VAL B 191 20.65 -47.53 -38.57
N PHE B 192 21.67 -46.96 -37.92
CA PHE B 192 21.65 -45.52 -37.66
C PHE B 192 22.00 -44.72 -38.91
N ASP B 193 22.82 -45.28 -39.80
CA ASP B 193 23.03 -44.64 -41.10
C ASP B 193 21.73 -44.59 -41.89
N LEU B 194 20.96 -45.68 -41.86
CA LEU B 194 19.65 -45.67 -42.50
C LEU B 194 18.72 -44.65 -41.86
N ILE B 195 18.74 -44.57 -40.52
CA ILE B 195 17.86 -43.65 -39.81
C ILE B 195 18.18 -42.21 -40.18
N GLN B 196 19.47 -41.87 -40.22
CA GLN B 196 19.88 -40.52 -40.59
C GLN B 196 19.75 -40.26 -42.09
N LYS B 197 19.65 -41.30 -42.90
CA LYS B 197 19.51 -41.12 -44.35
C LYS B 197 18.05 -41.09 -44.77
N HIS B 198 17.19 -41.88 -44.12
CA HIS B 198 15.76 -41.87 -44.41
C HIS B 198 15.05 -40.97 -43.39
N LYS B 199 15.40 -39.68 -43.46
CA LYS B 199 14.91 -38.73 -42.48
C LYS B 199 13.40 -38.52 -42.60
N GLY B 200 12.91 -38.32 -43.83
CA GLY B 200 11.52 -37.93 -44.01
C GLY B 200 10.54 -39.01 -43.57
N ILE B 201 10.76 -40.24 -44.03
CA ILE B 201 9.84 -41.32 -43.70
C ILE B 201 9.86 -41.61 -42.21
N LEU B 202 11.06 -41.67 -41.63
CA LEU B 202 11.18 -41.96 -40.20
C LEU B 202 10.52 -40.85 -39.37
N THR B 203 10.71 -39.59 -39.77
CA THR B 203 10.03 -38.49 -39.09
C THR B 203 8.52 -38.62 -39.21
N ASN B 204 8.04 -39.08 -40.37
CA ASN B 204 6.60 -39.23 -40.55
C ASN B 204 6.02 -40.27 -39.59
N LEU B 205 6.64 -41.46 -39.55
CA LEU B 205 6.17 -42.47 -38.60
C LEU B 205 6.33 -42.02 -37.16
N LEU B 206 7.42 -41.34 -36.83
CA LEU B 206 7.60 -40.86 -35.46
C LEU B 206 6.54 -39.85 -35.08
N LYS B 207 6.19 -38.94 -36.00
CA LYS B 207 5.13 -37.98 -35.75
C LYS B 207 3.79 -38.68 -35.55
N ASN B 208 3.49 -39.67 -36.38
CA ASN B 208 2.23 -40.39 -36.23
C ASN B 208 2.17 -41.13 -34.89
N PHE B 209 3.27 -41.80 -34.52
CA PHE B 209 3.31 -42.53 -33.25
C PHE B 209 3.18 -41.58 -32.07
N LEU B 210 3.84 -40.42 -32.14
CA LEU B 210 3.76 -39.46 -31.04
C LEU B 210 2.36 -38.86 -30.94
N ALA B 211 1.71 -38.61 -32.07
CA ALA B 211 0.33 -38.14 -32.05
C ALA B 211 -0.60 -39.17 -31.43
N ASP B 212 -0.40 -40.45 -31.79
CA ASP B 212 -1.20 -41.51 -31.17
C ASP B 212 -0.96 -41.58 -29.67
N PHE B 213 0.29 -41.44 -29.25
CA PHE B 213 0.60 -41.48 -27.82
C PHE B 213 -0.02 -40.29 -27.09
N GLN B 214 -0.03 -39.12 -27.73
CA GLN B 214 -0.71 -37.96 -27.16
C GLN B 214 -2.20 -38.22 -27.01
N LYS B 215 -2.83 -38.80 -28.04
CA LYS B 215 -4.23 -39.15 -27.96
C LYS B 215 -4.49 -40.24 -26.93
N SER B 216 -3.45 -40.99 -26.55
CA SER B 216 -3.60 -42.06 -25.56
C SER B 216 -3.10 -41.68 -24.17
N THR B 217 -2.21 -40.70 -24.05
CA THR B 217 -1.60 -40.34 -22.76
C THR B 217 -1.73 -38.83 -22.55
N PRO B 218 -2.90 -38.36 -22.13
CA PRO B 218 -3.04 -36.92 -21.84
C PRO B 218 -2.24 -36.45 -20.63
N PHE B 219 -1.87 -37.35 -19.72
CA PHE B 219 -1.19 -36.94 -18.50
C PHE B 219 0.23 -36.44 -18.76
N MET B 220 0.96 -37.08 -19.66
CA MET B 220 2.29 -36.62 -20.08
C MET B 220 2.24 -35.83 -21.38
N ALA B 221 1.19 -35.01 -21.55
CA ALA B 221 0.99 -34.30 -22.80
C ALA B 221 2.15 -33.34 -23.11
N ASP B 222 2.77 -32.77 -22.07
CA ASP B 222 3.86 -31.83 -22.30
C ASP B 222 5.07 -32.51 -22.94
N GLN B 223 5.43 -33.70 -22.44
CA GLN B 223 6.56 -34.42 -23.01
C GLN B 223 6.31 -34.82 -24.46
N VAL B 224 5.11 -35.30 -24.75
CA VAL B 224 4.79 -35.66 -26.13
C VAL B 224 4.76 -34.41 -27.01
N ALA B 225 4.29 -33.29 -26.47
CA ALA B 225 4.26 -32.05 -27.23
C ALA B 225 5.66 -31.60 -27.61
N ILE B 226 6.59 -31.62 -26.64
CA ILE B 226 7.95 -31.20 -26.95
C ILE B 226 8.61 -32.20 -27.90
N PHE B 227 8.30 -33.49 -27.76
CA PHE B 227 8.83 -34.48 -28.69
C PHE B 227 8.34 -34.23 -30.12
N THR B 228 7.04 -33.96 -30.27
CA THR B 228 6.49 -33.70 -31.59
C THR B 228 7.07 -32.44 -32.19
N GLU B 229 7.22 -31.38 -31.38
CA GLU B 229 7.83 -30.16 -31.87
C GLU B 229 9.28 -30.41 -32.29
N LEU B 230 9.97 -31.27 -31.55
CA LEU B 230 11.34 -31.63 -31.90
C LEU B 230 11.40 -32.34 -33.24
N PHE B 231 10.54 -33.34 -33.43
CA PHE B 231 10.58 -34.19 -34.62
C PHE B 231 9.80 -33.62 -35.78
N ASP B 232 9.18 -32.45 -35.62
CA ASP B 232 8.58 -31.76 -36.76
C ASP B 232 9.61 -31.37 -37.80
N ASN B 233 10.89 -31.31 -37.42
CA ASN B 233 11.98 -31.01 -38.32
C ASN B 233 12.64 -32.33 -38.74
N GLU B 234 12.89 -32.48 -40.04
CA GLU B 234 13.63 -33.64 -40.52
C GLU B 234 15.06 -33.64 -40.01
N GLY B 235 15.69 -32.47 -39.97
CA GLY B 235 17.06 -32.36 -39.49
C GLY B 235 17.23 -32.81 -38.06
N ALA B 236 16.14 -32.95 -37.31
CA ALA B 236 16.21 -33.49 -35.97
C ALA B 236 16.74 -34.91 -35.93
N PHE B 237 16.71 -35.61 -37.06
CA PHE B 237 17.27 -36.95 -37.12
C PHE B 237 18.76 -36.94 -37.44
N ASP B 238 19.37 -35.75 -37.56
CA ASP B 238 20.81 -35.65 -37.76
C ASP B 238 21.61 -36.02 -36.52
N LEU B 239 20.95 -36.17 -35.36
CA LEU B 239 21.66 -36.64 -34.17
C LEU B 239 22.24 -38.03 -34.39
N PHE B 240 21.46 -38.93 -35.00
CA PHE B 240 21.91 -40.30 -35.23
C PHE B 240 22.79 -40.36 -36.47
N GLY B 241 23.82 -39.54 -36.52
CA GLY B 241 24.71 -39.51 -37.66
C GLY B 241 25.99 -38.77 -37.38
N GLU B 242 26.53 -38.07 -38.37
CA GLU B 242 27.78 -37.33 -38.24
C GLU B 242 27.43 -35.88 -37.94
N ALA B 243 27.32 -35.56 -36.66
CA ALA B 243 26.92 -34.23 -36.23
C ALA B 243 27.61 -33.93 -34.90
N ASP B 244 27.13 -32.91 -34.20
CA ASP B 244 27.61 -32.59 -32.85
C ASP B 244 26.41 -32.52 -31.94
N PHE B 245 26.30 -33.50 -31.03
CA PHE B 245 25.15 -33.56 -30.14
C PHE B 245 25.08 -32.33 -29.23
N VAL B 246 26.22 -31.88 -28.72
CA VAL B 246 26.22 -30.71 -27.84
C VAL B 246 25.84 -29.46 -28.60
N ASP B 247 25.90 -29.50 -29.94
CA ASP B 247 25.45 -28.40 -30.77
C ASP B 247 24.08 -28.67 -31.38
N LYS B 248 23.81 -29.90 -31.79
CA LYS B 248 22.52 -30.23 -32.37
C LYS B 248 21.41 -30.10 -31.33
N ILE B 249 21.65 -30.56 -30.10
CA ILE B 249 20.64 -30.43 -29.06
C ILE B 249 20.42 -28.96 -28.71
N ALA B 250 21.43 -28.12 -28.91
CA ALA B 250 21.26 -26.69 -28.68
C ALA B 250 20.48 -26.02 -29.81
N GLU B 251 20.70 -26.44 -31.05
CA GLU B 251 20.01 -25.83 -32.18
C GLU B 251 18.65 -26.45 -32.44
N LEU B 252 18.31 -27.54 -31.74
CA LEU B 252 16.97 -28.13 -31.75
C LEU B 252 16.13 -27.76 -30.55
N PHE B 253 16.73 -27.67 -29.35
CA PHE B 253 15.96 -27.46 -28.14
C PHE B 253 16.08 -26.05 -27.58
N LEU B 254 17.14 -25.32 -27.93
CA LEU B 254 17.37 -23.97 -27.43
C LEU B 254 17.61 -23.01 -28.60
N THR B 255 16.73 -23.08 -29.60
CA THR B 255 16.86 -22.23 -30.77
C THR B 255 15.47 -21.98 -31.34
N LYS B 256 15.22 -20.74 -31.78
CA LYS B 256 13.93 -20.38 -32.35
C LYS B 256 13.65 -21.22 -33.60
N ARG B 257 12.37 -21.43 -33.87
CA ARG B 257 11.94 -22.23 -34.99
C ARG B 257 11.16 -21.38 -36.00
N THR B 258 11.33 -21.71 -37.27
CA THR B 258 10.63 -21.06 -38.37
C THR B 258 10.08 -22.10 -39.34
N VAL B 259 9.41 -23.12 -38.78
CA VAL B 259 8.97 -24.27 -39.58
C VAL B 259 7.63 -23.89 -40.18
N LYS B 260 7.70 -23.19 -41.31
CA LYS B 260 6.54 -22.81 -42.12
C LYS B 260 7.08 -22.08 -43.35
N ASN B 261 6.20 -21.88 -44.33
CA ASN B 261 6.61 -21.20 -45.55
C ASN B 261 5.55 -20.24 -46.09
N GLY B 262 4.49 -19.95 -45.34
CA GLY B 262 3.45 -19.08 -45.87
C GLY B 262 3.92 -17.64 -46.00
N GLU B 263 4.08 -16.93 -44.88
CA GLU B 263 4.80 -15.68 -44.87
C GLU B 263 5.99 -15.71 -43.92
N LYS B 264 5.74 -15.92 -42.62
CA LYS B 264 6.79 -16.10 -41.62
C LYS B 264 6.17 -16.51 -40.29
N ILE B 265 6.64 -17.60 -39.70
CA ILE B 265 6.22 -18.02 -38.37
C ILE B 265 7.46 -18.19 -37.50
N GLU B 266 8.46 -17.33 -37.73
CA GLU B 266 9.70 -17.41 -36.98
C GLU B 266 9.50 -17.14 -35.50
N THR B 267 8.36 -16.58 -35.11
CA THR B 267 8.05 -16.30 -33.72
C THR B 267 7.66 -17.56 -32.94
N LYS B 268 7.93 -18.74 -33.48
CA LYS B 268 7.58 -19.99 -32.81
C LYS B 268 8.45 -20.27 -31.59
N ASP B 269 9.52 -19.48 -31.38
CA ASP B 269 10.39 -19.63 -30.21
C ASP B 269 11.09 -20.98 -30.22
N SER B 270 11.67 -21.35 -29.08
CA SER B 270 12.41 -22.59 -28.96
C SER B 270 11.57 -23.66 -28.29
N LEU B 271 12.14 -24.87 -28.17
CA LEU B 271 11.43 -25.96 -27.54
C LEU B 271 11.38 -25.80 -26.03
N LEU B 272 12.49 -25.40 -25.42
CA LEU B 272 12.51 -25.20 -23.97
C LEU B 272 11.58 -24.09 -23.54
N VAL B 273 11.53 -23.00 -24.31
CA VAL B 273 10.64 -21.89 -23.98
C VAL B 273 9.19 -22.33 -24.07
N THR B 274 8.84 -23.07 -25.12
CA THR B 274 7.46 -23.55 -25.25
C THR B 274 7.11 -24.54 -24.13
N SER B 275 8.07 -25.39 -23.75
CA SER B 275 7.82 -26.32 -22.65
C SER B 275 7.59 -25.57 -21.34
N LEU B 276 8.38 -24.52 -21.10
CA LEU B 276 8.17 -23.70 -19.90
C LEU B 276 6.83 -22.99 -19.94
N LYS B 277 6.43 -22.50 -21.12
CA LYS B 277 5.13 -21.86 -21.26
C LYS B 277 4.01 -22.84 -20.94
N SER B 278 4.12 -24.08 -21.43
CA SER B 278 3.13 -25.10 -21.13
C SER B 278 3.12 -25.46 -19.65
N LEU B 279 4.31 -25.58 -19.03
CA LEU B 279 4.38 -26.02 -17.65
C LEU B 279 4.20 -24.87 -16.67
N LEU B 280 4.67 -23.68 -17.01
CA LEU B 280 4.24 -22.44 -16.36
C LEU B 280 3.17 -21.74 -17.20
N GLY B 281 2.00 -22.38 -17.26
CA GLY B 281 0.86 -21.81 -17.95
C GLY B 281 0.29 -20.62 -17.21
N GLU B 282 -0.22 -20.86 -16.00
CA GLU B 282 -0.78 -19.80 -15.19
C GLU B 282 -0.39 -19.92 -13.72
N LYS B 283 0.61 -20.76 -13.39
CA LYS B 283 1.02 -20.92 -12.00
C LYS B 283 1.56 -19.62 -11.43
N VAL B 284 2.37 -18.90 -12.22
CA VAL B 284 2.92 -17.62 -11.81
C VAL B 284 2.59 -16.60 -12.90
N ALA B 285 2.11 -15.43 -12.49
CA ALA B 285 1.69 -14.40 -13.43
C ALA B 285 2.55 -13.14 -13.38
N ALA B 286 2.74 -12.57 -12.19
CA ALA B 286 3.52 -11.34 -12.08
C ALA B 286 4.96 -11.55 -12.51
N LEU B 287 5.57 -12.64 -12.08
CA LEU B 287 6.94 -12.94 -12.47
C LEU B 287 7.05 -13.51 -13.88
N GLY B 288 5.92 -13.79 -14.53
CA GLY B 288 5.97 -14.22 -15.92
C GLY B 288 6.63 -13.18 -16.80
N ASP B 289 6.37 -11.90 -16.54
CA ASP B 289 7.08 -10.84 -17.26
C ASP B 289 8.58 -10.97 -17.07
N LEU B 290 9.02 -11.34 -15.86
CA LEU B 290 10.42 -11.64 -15.64
C LEU B 290 10.88 -12.74 -16.59
N LEU B 291 10.12 -13.83 -16.67
CA LEU B 291 10.42 -14.88 -17.64
C LEU B 291 10.40 -14.35 -19.05
N ASP B 292 9.60 -13.32 -19.32
CA ASP B 292 9.57 -12.72 -20.64
C ASP B 292 10.85 -11.94 -20.92
N SER B 293 11.48 -11.38 -19.89
CA SER B 293 12.64 -10.53 -20.10
C SER B 293 13.96 -11.26 -19.87
N TYR B 294 13.94 -12.43 -19.22
CA TYR B 294 15.18 -13.14 -18.90
C TYR B 294 15.18 -14.60 -19.29
N ILE B 295 14.02 -15.22 -19.51
CA ILE B 295 13.95 -16.61 -19.90
C ILE B 295 13.41 -16.76 -21.33
N PHE B 296 12.46 -15.92 -21.72
CA PHE B 296 11.89 -15.96 -23.06
C PHE B 296 12.63 -15.09 -24.05
N LYS B 297 13.58 -14.28 -23.60
CA LYS B 297 14.29 -13.33 -24.45
C LYS B 297 15.79 -13.38 -24.16
N ASN B 298 16.33 -14.60 -24.10
CA ASN B 298 17.76 -14.80 -23.97
C ASN B 298 18.25 -15.64 -25.13
N GLU B 299 19.37 -15.23 -25.74
CA GLU B 299 19.88 -15.93 -26.90
C GLU B 299 20.46 -17.29 -26.56
N LEU B 300 20.68 -17.57 -25.27
CA LEU B 300 21.16 -18.89 -24.84
C LEU B 300 20.04 -19.91 -24.76
N LEU B 301 18.78 -19.48 -24.76
CA LEU B 301 17.65 -20.39 -24.71
C LEU B 301 16.74 -20.17 -25.91
N ASN B 302 16.79 -18.95 -26.48
CA ASN B 302 16.01 -18.58 -27.66
C ASN B 302 17.00 -17.91 -28.62
N ARG B 303 17.68 -18.69 -29.45
CA ARG B 303 18.82 -18.18 -30.19
C ARG B 303 18.43 -17.18 -31.28
N SER B 304 17.15 -17.05 -31.61
CA SER B 304 16.68 -16.06 -32.58
C SER B 304 17.34 -16.28 -33.95
N VAL B 305 16.97 -17.42 -34.56
CA VAL B 305 17.52 -17.79 -35.85
C VAL B 305 17.20 -16.73 -36.89
N GLU B 306 18.14 -16.52 -37.82
CA GLU B 306 18.04 -15.62 -38.97
C GLU B 306 18.07 -14.15 -38.57
N VAL B 307 18.21 -13.84 -37.28
CA VAL B 307 18.31 -12.46 -36.82
C VAL B 307 19.76 -12.05 -36.56
N ALA B 308 20.66 -13.01 -36.35
CA ALA B 308 22.07 -12.68 -36.14
C ALA B 308 22.64 -11.98 -37.37
N LYS B 309 22.34 -12.50 -38.56
CA LYS B 309 22.77 -11.87 -39.81
C LYS B 309 21.69 -10.94 -40.36
N ALA B 310 21.18 -10.05 -39.50
CA ALA B 310 20.17 -9.07 -39.90
C ALA B 310 20.62 -7.64 -39.66
N GLU B 311 21.12 -7.34 -38.46
CA GLU B 311 21.53 -5.98 -38.11
C GLU B 311 23.04 -5.81 -37.98
N ALA B 312 23.76 -6.86 -37.58
CA ALA B 312 25.22 -6.74 -37.45
C ALA B 312 25.91 -6.94 -38.78
N LYS B 313 25.75 -8.13 -39.37
CA LYS B 313 26.39 -8.50 -40.64
C LYS B 313 27.91 -8.42 -40.58
N ASP B 314 28.48 -8.47 -39.37
CA ASP B 314 29.92 -8.48 -39.20
C ASP B 314 30.43 -9.54 -38.23
N THR B 315 29.55 -10.34 -37.62
CA THR B 315 29.94 -11.46 -36.76
C THR B 315 30.82 -11.01 -35.60
N LYS B 316 30.27 -10.22 -34.69
CA LYS B 316 30.95 -9.85 -33.46
C LYS B 316 31.01 -11.06 -32.54
N GLY B 317 31.91 -10.99 -31.56
CA GLY B 317 32.06 -12.09 -30.63
C GLY B 317 30.80 -12.36 -29.82
N ALA B 318 30.14 -11.30 -29.36
CA ALA B 318 28.90 -11.47 -28.61
C ALA B 318 27.75 -11.85 -29.52
N THR B 319 27.80 -11.41 -30.79
CA THR B 319 26.69 -11.65 -31.71
C THR B 319 26.48 -13.14 -31.96
N ASP B 320 27.57 -13.88 -32.14
CA ASP B 320 27.48 -15.32 -32.39
C ASP B 320 27.15 -16.02 -31.08
N TYR B 321 25.86 -16.23 -30.83
CA TYR B 321 25.39 -16.89 -29.63
C TYR B 321 25.27 -18.39 -29.81
N LYS B 322 25.64 -18.92 -30.97
CA LYS B 322 25.59 -20.35 -31.21
C LYS B 322 26.70 -21.11 -30.52
N LYS B 323 27.83 -20.45 -30.24
CA LYS B 323 28.94 -21.08 -29.53
C LYS B 323 28.97 -20.72 -28.05
N GLU B 324 28.47 -19.54 -27.68
CA GLU B 324 28.35 -19.22 -26.26
C GLU B 324 27.31 -20.09 -25.58
N GLN B 325 26.18 -20.31 -26.25
CA GLN B 325 25.16 -21.23 -25.75
C GLN B 325 25.68 -22.67 -25.73
N ALA B 326 26.41 -23.07 -26.77
CA ALA B 326 27.03 -24.38 -26.78
C ALA B 326 28.03 -24.53 -25.65
N LYS B 327 28.79 -23.47 -25.36
CA LYS B 327 29.73 -23.51 -24.25
C LYS B 327 29.02 -23.65 -22.91
N ALA B 328 27.89 -22.95 -22.74
CA ALA B 328 27.13 -23.06 -21.50
C ALA B 328 26.58 -24.47 -21.33
N LEU B 329 26.03 -25.04 -22.41
CA LEU B 329 25.54 -26.41 -22.36
C LEU B 329 26.67 -27.39 -22.05
N LYS B 330 27.86 -27.17 -22.63
CA LYS B 330 28.99 -28.03 -22.35
C LYS B 330 29.43 -27.92 -20.89
N LYS B 331 29.39 -26.71 -20.32
CA LYS B 331 29.73 -26.57 -18.91
C LYS B 331 28.73 -27.30 -18.02
N LEU B 332 27.43 -27.17 -18.34
CA LEU B 332 26.42 -27.90 -17.57
C LEU B 332 26.63 -29.40 -17.68
N PHE B 333 26.95 -29.88 -18.89
CA PHE B 333 27.23 -31.30 -19.08
C PHE B 333 28.46 -31.73 -18.29
N LYS B 334 29.50 -30.89 -18.27
CA LYS B 334 30.69 -31.19 -17.48
C LYS B 334 30.33 -31.37 -16.02
N HIS B 335 29.53 -30.46 -15.47
CA HIS B 335 29.22 -30.56 -14.05
C HIS B 335 28.31 -31.74 -13.74
N ILE B 336 27.27 -31.95 -14.53
CA ILE B 336 26.39 -33.10 -14.30
C ILE B 336 27.13 -34.41 -14.52
N GLY B 337 28.20 -34.39 -15.31
CA GLY B 337 28.92 -35.62 -15.61
C GLY B 337 29.90 -36.05 -14.54
N GLU B 338 30.76 -35.14 -14.09
CA GLU B 338 31.84 -35.49 -13.19
C GLU B 338 31.71 -34.87 -11.81
N ASN B 339 30.57 -34.28 -11.47
CA ASN B 339 30.43 -33.69 -10.15
C ASN B 339 29.15 -34.13 -9.46
N THR B 340 28.11 -34.42 -10.24
CA THR B 340 26.80 -34.77 -9.68
C THR B 340 26.44 -36.23 -9.95
N LEU B 341 26.48 -36.66 -11.20
CA LEU B 341 26.17 -38.03 -11.57
C LEU B 341 27.42 -38.86 -11.83
N SER B 342 28.51 -38.54 -11.14
CA SER B 342 29.75 -39.29 -11.29
C SER B 342 29.63 -40.65 -10.60
N LYS B 343 30.58 -41.53 -10.89
CA LYS B 343 30.61 -42.81 -10.21
C LYS B 343 30.83 -42.65 -8.71
N THR B 344 31.72 -41.74 -8.32
CA THR B 344 31.98 -41.51 -6.90
C THR B 344 30.75 -40.98 -6.20
N ASN B 345 30.05 -40.02 -6.81
CA ASN B 345 28.89 -39.41 -6.17
C ASN B 345 27.71 -40.35 -6.15
N LEU B 346 27.55 -41.16 -7.19
CA LEU B 346 26.46 -42.13 -7.23
C LEU B 346 26.77 -43.39 -6.42
N ASP B 347 28.02 -43.59 -6.00
CA ASP B 347 28.34 -44.78 -5.22
C ASP B 347 27.71 -44.73 -3.83
N LYS B 348 27.52 -43.54 -3.28
CA LYS B 348 26.91 -43.40 -1.96
C LYS B 348 25.39 -43.36 -2.03
N ILE B 349 24.81 -44.33 -2.74
CA ILE B 349 23.39 -44.59 -2.73
C ILE B 349 23.22 -46.10 -2.69
N THR B 350 22.94 -46.64 -1.52
CA THR B 350 22.99 -48.08 -1.29
C THR B 350 21.59 -48.62 -1.06
N LEU B 351 21.22 -49.64 -1.83
CA LEU B 351 19.96 -50.35 -1.63
C LEU B 351 20.26 -51.57 -0.76
N LYS B 352 19.93 -51.49 0.52
CA LYS B 352 20.18 -52.59 1.45
C LYS B 352 18.89 -53.30 1.76
N GLU B 353 18.92 -54.63 1.71
CA GLU B 353 17.81 -55.43 2.19
C GLU B 353 17.64 -55.24 3.69
N VAL B 354 16.40 -55.31 4.15
CA VAL B 354 16.07 -55.14 5.55
C VAL B 354 15.69 -56.47 6.20
N LYS B 355 14.64 -57.12 5.71
CA LYS B 355 14.26 -58.44 6.22
C LYS B 355 14.69 -59.55 5.27
N ASN B 356 14.18 -59.55 4.05
CA ASN B 356 14.51 -60.50 2.99
C ASN B 356 14.68 -61.93 3.49
N THR B 357 13.83 -62.34 4.43
CA THR B 357 13.95 -63.68 5.01
C THR B 357 12.62 -64.41 5.00
N GLU B 358 11.52 -63.66 5.09
CA GLU B 358 10.19 -64.26 5.17
C GLU B 358 9.88 -65.02 3.89
N ASN B 359 9.38 -66.24 4.05
CA ASN B 359 8.99 -67.06 2.91
C ASN B 359 7.64 -66.59 2.38
N VAL B 360 7.55 -66.41 1.06
CA VAL B 360 6.33 -65.94 0.41
C VAL B 360 5.52 -67.19 0.07
N GLU B 361 4.75 -67.67 1.05
CA GLU B 361 3.95 -68.87 0.84
C GLU B 361 2.85 -68.61 -0.17
N LEU B 362 2.56 -69.62 -0.99
CA LEU B 362 1.53 -69.54 -2.01
C LEU B 362 0.40 -70.51 -1.65
N GLU B 363 -0.84 -70.03 -1.73
CA GLU B 363 -2.01 -70.86 -1.53
C GLU B 363 -2.73 -71.06 -2.85
N GLU B 364 -3.01 -72.31 -3.20
CA GLU B 364 -3.72 -72.66 -4.42
C GLU B 364 -5.03 -73.33 -4.07
N THR B 365 -6.13 -72.84 -4.65
CA THR B 365 -7.45 -73.41 -4.41
C THR B 365 -8.31 -73.13 -5.63
N GLU B 366 -8.50 -74.15 -6.46
CA GLU B 366 -9.24 -74.03 -7.73
C GLU B 366 -8.54 -72.94 -8.55
N THR B 367 -9.29 -72.25 -9.42
CA THR B 367 -8.69 -71.30 -10.35
C THR B 367 -8.24 -70.05 -9.58
N THR B 368 -7.22 -70.19 -8.75
CA THR B 368 -6.65 -69.08 -8.00
C THR B 368 -5.20 -69.39 -7.68
N LEU B 369 -4.42 -68.32 -7.44
CA LEU B 369 -3.06 -68.45 -6.93
C LEU B 369 -2.75 -67.16 -6.18
N LYS B 370 -2.65 -67.24 -4.86
CA LYS B 370 -2.50 -66.06 -4.02
C LYS B 370 -1.22 -66.13 -3.22
N VAL B 371 -0.66 -64.97 -2.93
CA VAL B 371 0.48 -64.83 -2.03
C VAL B 371 -0.05 -64.72 -0.61
N LYS B 372 0.43 -65.59 0.28
CA LYS B 372 -0.08 -65.60 1.65
C LYS B 372 0.23 -64.28 2.36
N LYS B 373 1.49 -63.87 2.36
CA LYS B 373 1.89 -62.65 3.05
C LYS B 373 3.19 -62.16 2.40
N LEU B 374 3.09 -61.15 1.56
CA LEU B 374 4.27 -60.54 0.96
C LEU B 374 4.66 -59.33 1.81
N ASP B 375 5.90 -59.33 2.30
CA ASP B 375 6.40 -58.19 3.08
C ASP B 375 7.92 -58.14 2.89
N VAL B 376 8.37 -57.31 1.96
CA VAL B 376 9.79 -57.05 1.77
C VAL B 376 10.00 -55.54 1.85
N GLU B 377 11.12 -55.14 2.43
CA GLU B 377 11.44 -53.72 2.62
C GLU B 377 12.91 -53.52 2.31
N TYR B 378 13.19 -52.52 1.49
CA TYR B 378 14.55 -52.16 1.13
C TYR B 378 14.82 -50.71 1.51
N LYS B 379 15.95 -50.48 2.17
CA LYS B 379 16.37 -49.15 2.59
C LYS B 379 17.31 -48.59 1.54
N VAL B 380 16.91 -47.51 0.89
CA VAL B 380 17.79 -46.79 -0.03
C VAL B 380 18.44 -45.68 0.78
N GLU B 381 19.72 -45.86 1.09
CA GLU B 381 20.49 -44.89 1.84
C GLU B 381 21.14 -43.92 0.85
N LEU B 382 20.78 -42.65 0.94
CA LEU B 382 21.31 -41.65 0.03
C LEU B 382 22.69 -41.16 0.40
N GLY B 383 23.23 -41.59 1.55
CA GLY B 383 24.57 -41.19 1.92
C GLY B 383 24.67 -39.69 2.03
N ASN B 384 25.61 -39.12 1.29
CA ASN B 384 25.72 -37.67 1.12
C ASN B 384 25.85 -37.41 -0.38
N PHE B 385 24.71 -37.35 -1.07
CA PHE B 385 24.68 -37.12 -2.51
C PHE B 385 24.83 -35.62 -2.75
N GLU B 386 26.08 -35.17 -2.73
CA GLU B 386 26.40 -33.75 -2.83
C GLU B 386 26.06 -33.25 -4.23
N ILE B 387 24.94 -32.55 -4.36
CA ILE B 387 24.63 -31.80 -5.58
C ILE B 387 25.46 -30.52 -5.51
N LYS B 388 26.63 -30.52 -6.12
CA LYS B 388 27.58 -29.43 -5.92
C LYS B 388 27.09 -28.16 -6.62
N ASN B 389 27.71 -27.03 -6.25
CA ASN B 389 27.45 -25.79 -6.95
C ASN B 389 27.96 -25.89 -8.37
N GLY B 390 27.05 -25.79 -9.34
CA GLY B 390 27.41 -26.01 -10.72
C GLY B 390 26.35 -26.77 -11.46
N LEU B 391 25.62 -27.64 -10.75
CA LEU B 391 24.40 -28.17 -11.33
C LEU B 391 23.36 -27.06 -11.50
N ILE B 392 23.30 -26.14 -10.53
CA ILE B 392 22.44 -24.98 -10.65
C ILE B 392 23.20 -23.70 -10.98
N LYS B 393 24.52 -23.68 -10.79
CA LYS B 393 25.29 -22.50 -11.18
C LYS B 393 25.39 -22.39 -12.70
N ALA B 394 25.50 -23.53 -13.40
CA ALA B 394 25.50 -23.51 -14.85
C ALA B 394 24.15 -23.06 -15.39
N MET B 395 23.05 -23.51 -14.78
CA MET B 395 21.73 -23.03 -15.19
C MET B 395 21.57 -21.55 -14.92
N LEU B 396 22.18 -21.04 -13.84
CA LEU B 396 22.21 -19.59 -13.63
C LEU B 396 22.99 -18.91 -14.75
N GLU B 397 24.10 -19.51 -15.16
CA GLU B 397 24.89 -18.92 -16.25
C GLU B 397 24.15 -18.98 -17.58
N PHE B 398 23.17 -19.87 -17.72
CA PHE B 398 22.33 -19.84 -18.91
C PHE B 398 21.51 -18.56 -18.99
N LEU B 399 21.13 -18.00 -17.84
CA LEU B 399 20.41 -16.74 -17.82
C LEU B 399 21.31 -15.61 -18.30
N PRO B 400 20.76 -14.60 -18.97
CA PRO B 400 21.60 -13.54 -19.51
C PRO B 400 22.29 -12.74 -18.43
N ASP B 401 23.49 -12.25 -18.75
CA ASP B 401 24.30 -11.48 -17.82
C ASP B 401 24.20 -9.97 -18.08
N THR B 402 23.08 -9.53 -18.65
CA THR B 402 22.89 -8.11 -18.92
C THR B 402 22.75 -7.36 -17.60
N LYS B 403 23.54 -6.30 -17.44
CA LYS B 403 23.56 -5.54 -16.20
C LYS B 403 22.28 -4.74 -15.98
N ASP B 404 21.40 -4.67 -16.98
CA ASP B 404 20.16 -3.89 -16.87
C ASP B 404 19.20 -4.63 -15.93
N LEU B 405 19.45 -4.49 -14.63
CA LEU B 405 18.56 -5.03 -13.62
C LEU B 405 17.57 -4.02 -13.06
N GLU B 406 17.89 -2.73 -13.14
CA GLU B 406 16.99 -1.70 -12.62
C GLU B 406 15.69 -1.64 -13.42
N THR B 407 15.80 -1.58 -14.75
CA THR B 407 14.61 -1.44 -15.59
C THR B 407 13.70 -2.66 -15.48
N THR B 408 14.29 -3.86 -15.52
CA THR B 408 13.48 -5.07 -15.45
C THR B 408 12.76 -5.18 -14.11
N LEU B 409 13.46 -4.92 -13.01
CA LEU B 409 12.84 -5.00 -11.70
C LEU B 409 11.80 -3.90 -11.52
N ASP B 410 12.07 -2.71 -12.06
CA ASP B 410 11.08 -1.64 -12.01
C ASP B 410 9.80 -2.05 -12.74
N LYS B 411 9.94 -2.63 -13.93
CA LYS B 411 8.77 -3.09 -14.67
C LYS B 411 8.04 -4.19 -13.91
N LEU B 412 8.78 -5.12 -13.32
CA LEU B 412 8.15 -6.23 -12.61
C LEU B 412 7.40 -5.76 -11.37
N LEU B 413 8.00 -4.86 -10.60
CA LEU B 413 7.41 -4.43 -9.33
C LEU B 413 6.42 -3.29 -9.49
N PHE B 414 6.84 -2.20 -10.12
CA PHE B 414 6.06 -0.97 -10.15
C PHE B 414 5.26 -0.79 -11.43
N LYS B 415 5.90 -0.93 -12.58
CA LYS B 415 5.18 -0.74 -13.85
C LYS B 415 4.42 -2.01 -14.21
N GLY B 416 3.60 -2.50 -13.29
CA GLY B 416 2.79 -3.67 -13.50
C GLY B 416 1.33 -3.33 -13.73
N GLU B 417 0.49 -4.36 -13.62
CA GLU B 417 -0.95 -4.20 -13.83
C GLU B 417 -1.73 -4.00 -12.54
N SER B 418 -1.18 -4.42 -11.40
CA SER B 418 -1.85 -4.27 -10.12
C SER B 418 -1.31 -3.10 -9.30
N TYR B 419 0.02 -2.91 -9.29
CA TYR B 419 0.58 -1.77 -8.58
C TYR B 419 0.15 -0.45 -9.23
N LYS B 420 0.04 -0.43 -10.56
CA LYS B 420 -0.36 0.80 -11.22
C LYS B 420 -1.79 1.19 -10.88
N ALA B 421 -2.68 0.18 -10.77
CA ALA B 421 -4.06 0.47 -10.38
C ALA B 421 -4.12 1.06 -8.98
N MET B 422 -3.36 0.51 -8.04
CA MET B 422 -3.30 1.07 -6.70
C MET B 422 -2.70 2.48 -6.72
N LYS B 423 -1.68 2.68 -7.56
CA LYS B 423 -1.11 4.01 -7.73
C LYS B 423 -2.18 5.01 -8.15
N ASP B 424 -2.93 4.68 -9.20
CA ASP B 424 -3.96 5.59 -9.69
C ASP B 424 -5.03 5.83 -8.64
N LYS B 425 -5.48 4.76 -7.97
CA LYS B 425 -6.52 4.90 -6.97
C LYS B 425 -6.08 5.80 -5.82
N TYR B 426 -4.83 5.65 -5.37
CA TYR B 426 -4.34 6.49 -4.30
C TYR B 426 -4.04 7.91 -4.77
N ILE B 427 -3.78 8.10 -6.06
CA ILE B 427 -3.56 9.44 -6.59
C ILE B 427 -4.87 10.22 -6.65
N LYS B 428 -5.91 9.61 -7.22
CA LYS B 428 -7.19 10.31 -7.36
C LYS B 428 -7.81 10.61 -6.00
N GLU B 429 -7.83 9.63 -5.12
CA GLU B 429 -8.41 9.79 -3.78
C GLU B 429 -7.66 8.84 -2.85
N GLY B 430 -8.23 8.58 -1.68
CA GLY B 430 -7.67 7.56 -0.82
C GLY B 430 -6.88 8.10 0.37
N PHE B 431 -5.89 7.32 0.81
CA PHE B 431 -5.16 7.59 2.05
C PHE B 431 -6.18 7.75 3.17
N PRO B 432 -6.81 6.67 3.62
CA PRO B 432 -7.93 6.78 4.56
C PRO B 432 -7.52 7.49 5.84
N GLY B 433 -8.43 8.29 6.37
CA GLY B 433 -8.19 9.13 7.52
C GLY B 433 -7.66 10.49 7.15
N TYR B 434 -6.77 10.54 6.15
CA TYR B 434 -6.23 11.82 5.70
C TYR B 434 -7.21 12.52 4.76
N GLY B 435 -7.47 11.92 3.60
CA GLY B 435 -8.46 12.45 2.69
C GLY B 435 -8.02 13.69 1.94
N TRP B 436 -7.87 14.80 2.66
CA TRP B 436 -7.55 16.07 2.03
C TRP B 436 -6.11 16.14 1.55
N ALA B 437 -5.25 15.23 1.97
CA ALA B 437 -3.85 15.23 1.55
C ALA B 437 -3.71 14.37 0.31
N LYS B 438 -4.03 14.97 -0.85
CA LYS B 438 -3.88 14.30 -2.13
C LYS B 438 -2.60 14.67 -2.85
N GLY B 439 -2.05 15.86 -2.58
CA GLY B 439 -0.76 16.22 -3.15
C GLY B 439 0.40 15.49 -2.54
N VAL B 440 0.23 14.96 -1.32
CA VAL B 440 1.28 14.16 -0.69
C VAL B 440 1.49 12.86 -1.44
N VAL B 441 0.43 12.35 -2.08
CA VAL B 441 0.52 11.02 -2.70
C VAL B 441 1.60 10.97 -3.78
N PRO B 442 1.74 11.94 -4.69
CA PRO B 442 2.88 11.87 -5.63
C PRO B 442 4.15 12.38 -4.98
N GLY B 443 4.35 12.05 -3.72
CA GLY B 443 5.62 12.23 -3.03
C GLY B 443 5.81 11.05 -2.11
N ALA B 444 4.75 10.23 -2.02
CA ALA B 444 4.75 9.02 -1.23
C ALA B 444 5.04 7.81 -2.11
N PHE B 445 4.26 7.60 -3.16
CA PHE B 445 4.57 6.54 -4.10
C PHE B 445 5.57 7.03 -5.12
N GLU B 446 6.57 7.73 -4.67
CA GLU B 446 7.71 8.11 -5.50
C GLU B 446 9.01 7.78 -4.81
N SER B 447 9.08 7.96 -3.49
CA SER B 447 10.20 7.47 -2.70
C SER B 447 10.05 5.99 -2.39
N ILE B 448 8.81 5.50 -2.27
CA ILE B 448 8.58 4.07 -2.11
C ILE B 448 9.18 3.31 -3.29
N GLU B 449 9.01 3.85 -4.50
CA GLU B 449 9.67 3.29 -5.66
C GLU B 449 11.15 3.66 -5.71
N ASN B 450 11.49 4.87 -5.25
CA ASN B 450 12.86 5.36 -5.42
C ASN B 450 13.86 4.55 -4.61
N THR B 451 13.53 4.26 -3.35
CA THR B 451 14.45 3.48 -2.53
C THR B 451 14.62 2.06 -3.07
N PHE B 452 13.52 1.45 -3.50
CA PHE B 452 13.59 0.12 -4.08
C PHE B 452 14.46 0.11 -5.32
N LYS B 453 14.31 1.12 -6.18
CA LYS B 453 15.12 1.19 -7.39
C LYS B 453 16.59 1.46 -7.07
N SER B 454 16.85 2.34 -6.11
CA SER B 454 18.22 2.70 -5.77
C SER B 454 18.96 1.57 -5.05
N ALA B 455 18.23 0.67 -4.40
CA ALA B 455 18.88 -0.47 -3.77
C ALA B 455 19.57 -1.37 -4.78
N ILE B 456 18.95 -1.54 -5.95
CA ILE B 456 19.46 -2.47 -6.95
C ILE B 456 20.84 -2.02 -7.41
N ASP B 457 21.83 -2.90 -7.25
CA ASP B 457 23.19 -2.58 -7.65
C ASP B 457 23.27 -2.43 -9.16
N LYS B 458 23.95 -1.38 -9.62
CA LYS B 458 24.02 -1.09 -11.04
C LYS B 458 24.85 -2.13 -11.80
N THR B 459 25.76 -2.80 -11.12
CA THR B 459 26.69 -3.72 -11.75
C THR B 459 26.31 -5.19 -11.56
N LYS B 460 25.08 -5.46 -11.11
CA LYS B 460 24.63 -6.83 -10.87
C LYS B 460 23.52 -7.17 -11.84
N SER B 461 23.60 -8.37 -12.43
CA SER B 461 22.65 -8.85 -13.40
C SER B 461 21.67 -9.82 -12.74
N ILE B 462 20.80 -10.42 -13.54
CA ILE B 462 19.88 -11.41 -13.01
C ILE B 462 20.61 -12.66 -12.55
N ARG B 463 21.78 -12.94 -13.13
CA ARG B 463 22.61 -14.03 -12.62
C ARG B 463 22.98 -13.80 -11.16
N ASP B 464 23.43 -12.58 -10.84
CA ASP B 464 23.81 -12.28 -9.47
C ASP B 464 22.60 -12.29 -8.54
N LEU B 465 21.46 -11.79 -9.00
CA LEU B 465 20.26 -11.81 -8.17
C LEU B 465 19.83 -13.24 -7.86
N PHE B 466 19.86 -14.12 -8.87
CA PHE B 466 19.51 -15.51 -8.63
C PHE B 466 20.55 -16.22 -7.77
N GLY B 467 21.81 -15.82 -7.89
CA GLY B 467 22.83 -16.37 -7.00
C GLY B 467 22.59 -15.98 -5.55
N ASP B 468 22.21 -14.72 -5.32
CA ASP B 468 21.85 -14.30 -3.97
C ASP B 468 20.61 -15.04 -3.48
N MET B 469 19.62 -15.23 -4.35
CA MET B 469 18.40 -15.91 -3.95
C MET B 469 18.66 -17.37 -3.59
N LEU B 470 19.49 -18.05 -4.38
CA LEU B 470 19.74 -19.48 -4.18
C LEU B 470 20.97 -19.74 -3.32
N PHE B 471 22.13 -19.27 -3.77
CA PHE B 471 23.38 -19.59 -3.09
C PHE B 471 23.53 -18.82 -1.78
N GLY B 472 22.93 -17.64 -1.68
CA GLY B 472 23.27 -16.75 -0.60
C GLY B 472 24.40 -15.83 -1.01
N ASN B 473 25.63 -16.25 -0.71
CA ASN B 473 26.84 -15.52 -1.08
C ASN B 473 26.87 -15.19 -2.57
N ASP B 474 27.66 -14.19 -2.94
CA ASP B 474 27.75 -13.77 -4.33
C ASP B 474 28.34 -14.88 -5.20
N LEU B 475 28.01 -14.84 -6.49
CA LEU B 475 28.42 -15.89 -7.40
C LEU B 475 29.94 -15.99 -7.50
N SER B 476 30.62 -14.86 -7.60
CA SER B 476 32.08 -14.89 -7.71
C SER B 476 32.71 -15.42 -6.44
N SER B 477 32.03 -15.31 -5.31
CA SER B 477 32.54 -15.78 -4.02
C SER B 477 31.95 -17.12 -3.62
N VAL B 478 31.18 -17.77 -4.50
CA VAL B 478 30.61 -19.09 -4.24
C VAL B 478 31.50 -20.12 -4.91
N LYS B 479 32.01 -21.07 -4.14
CA LYS B 479 32.89 -22.10 -4.68
C LYS B 479 32.06 -23.16 -5.38
N GLU B 480 32.51 -23.57 -6.57
CA GLU B 480 31.81 -24.59 -7.32
C GLU B 480 31.95 -25.97 -6.70
N THR B 481 32.94 -26.18 -5.85
CA THR B 481 33.13 -27.48 -5.23
C THR B 481 32.21 -27.69 -4.03
N ASP B 482 31.60 -26.63 -3.50
CA ASP B 482 30.69 -26.76 -2.37
C ASP B 482 29.38 -27.38 -2.82
N SER B 483 28.68 -27.99 -1.87
CA SER B 483 27.43 -28.68 -2.13
C SER B 483 26.26 -27.74 -1.89
N PHE B 484 25.50 -27.45 -2.95
CA PHE B 484 24.29 -26.65 -2.81
C PHE B 484 23.23 -27.40 -2.02
N ILE B 485 22.96 -28.64 -2.40
CA ILE B 485 21.97 -29.49 -1.75
C ILE B 485 22.62 -30.82 -1.43
N THR B 486 22.46 -31.30 -0.21
CA THR B 486 22.99 -32.59 0.21
C THR B 486 21.84 -33.48 0.64
N LEU B 487 21.77 -34.68 0.06
CA LEU B 487 20.76 -35.66 0.42
C LEU B 487 21.37 -36.67 1.38
N GLY B 488 20.77 -36.79 2.57
CA GLY B 488 21.25 -37.72 3.57
C GLY B 488 20.10 -38.54 4.11
N GLY B 489 20.46 -39.58 4.87
CA GLY B 489 19.46 -40.45 5.45
C GLY B 489 19.12 -41.61 4.55
N SER B 490 17.87 -42.07 4.61
CA SER B 490 17.45 -43.21 3.80
C SER B 490 15.94 -43.22 3.72
N PHE B 491 15.43 -43.79 2.63
CA PHE B 491 13.99 -43.98 2.46
C PHE B 491 13.67 -45.44 2.19
N ASP B 492 12.51 -45.86 2.68
CA ASP B 492 12.13 -47.27 2.70
C ASP B 492 11.19 -47.60 1.56
N ILE B 493 11.33 -48.81 1.02
CA ILE B 493 10.39 -49.38 0.07
C ILE B 493 9.76 -50.59 0.73
N LYS B 494 8.42 -50.63 0.77
CA LYS B 494 7.67 -51.51 1.64
C LYS B 494 6.67 -52.33 0.85
N TYR B 495 7.15 -53.01 -0.21
CA TYR B 495 6.32 -53.95 -0.94
C TYR B 495 5.62 -54.88 0.02
N GLY B 496 4.29 -54.79 0.08
CA GLY B 496 3.54 -55.58 1.04
C GLY B 496 2.19 -55.98 0.48
N GLY B 497 1.54 -56.87 1.22
CA GLY B 497 0.22 -57.32 0.85
C GLY B 497 -0.12 -58.66 1.46
N GLU B 498 -1.42 -58.90 1.56
CA GLU B 498 -1.96 -60.16 2.06
C GLU B 498 -3.00 -60.68 1.08
N ASN B 499 -2.96 -61.98 0.81
CA ASN B 499 -3.88 -62.63 -0.13
C ASN B 499 -3.84 -61.95 -1.50
N LEU B 500 -2.63 -61.75 -2.01
CA LEU B 500 -2.41 -61.06 -3.26
C LEU B 500 -2.43 -62.05 -4.42
N ASN B 501 -3.29 -61.79 -5.40
CA ASN B 501 -3.46 -62.73 -6.50
C ASN B 501 -2.24 -62.75 -7.39
N VAL B 502 -1.85 -63.95 -7.82
CA VAL B 502 -0.77 -64.16 -8.78
C VAL B 502 -1.39 -64.75 -10.04
N LEU B 503 -1.25 -64.05 -11.15
CA LEU B 503 -1.87 -64.49 -12.39
C LEU B 503 -0.89 -64.40 -13.54
N PRO B 504 -1.07 -65.23 -14.58
CA PRO B 504 -0.12 -65.20 -15.70
C PRO B 504 -0.08 -63.84 -16.37
N ALA B 505 1.12 -63.45 -16.81
CA ALA B 505 1.34 -62.20 -17.52
C ALA B 505 2.04 -62.53 -18.83
N TYR B 506 1.45 -62.09 -19.93
CA TYR B 506 1.90 -62.43 -21.26
C TYR B 506 2.52 -61.21 -21.94
N TYR B 507 3.18 -61.45 -23.07
CA TYR B 507 3.75 -60.38 -23.87
C TYR B 507 2.65 -59.70 -24.67
N SER B 508 3.03 -58.75 -25.52
CA SER B 508 2.02 -58.03 -26.31
C SER B 508 1.41 -58.93 -27.38
N LEU B 509 2.23 -59.76 -28.03
CA LEU B 509 1.79 -60.63 -29.10
C LEU B 509 1.83 -62.09 -28.65
N ILE B 510 1.53 -62.99 -29.58
CA ILE B 510 1.58 -64.42 -29.27
C ILE B 510 3.03 -64.83 -29.08
N ASN B 511 3.34 -65.39 -27.91
CA ASN B 511 4.69 -65.81 -27.60
C ASN B 511 4.64 -67.02 -26.68
N SER B 512 5.69 -67.83 -26.73
CA SER B 512 5.79 -68.99 -25.87
C SER B 512 6.39 -68.67 -24.51
N GLU B 513 6.94 -67.46 -24.33
CA GLU B 513 7.53 -67.05 -23.07
C GLU B 513 6.48 -66.30 -22.25
N ILE B 514 6.31 -66.73 -21.00
CA ILE B 514 5.28 -66.18 -20.12
C ILE B 514 5.93 -65.84 -18.79
N GLY B 515 5.43 -64.78 -18.15
CA GLY B 515 5.79 -64.46 -16.78
C GLY B 515 4.57 -64.56 -15.88
N TYR B 516 4.77 -64.16 -14.63
CA TYR B 516 3.65 -64.08 -13.69
C TYR B 516 3.66 -62.72 -13.02
N GLN B 517 2.46 -62.25 -12.66
CA GLN B 517 2.31 -60.93 -12.06
C GLN B 517 1.53 -61.07 -10.76
N ILE B 518 2.03 -60.42 -9.71
CA ILE B 518 1.34 -60.26 -8.45
C ILE B 518 0.67 -58.90 -8.47
N ILE B 519 -0.66 -58.89 -8.42
CA ILE B 519 -1.40 -57.65 -8.53
C ILE B 519 -1.72 -57.13 -7.13
N GLY B 520 -1.90 -55.81 -7.02
CA GLY B 520 -2.30 -55.24 -5.75
C GLY B 520 -1.21 -55.16 -4.70
N VAL B 521 0.06 -55.18 -5.12
CA VAL B 521 1.16 -55.03 -4.18
C VAL B 521 1.19 -53.59 -3.68
N ASP B 522 1.04 -53.40 -2.38
CA ASP B 522 1.17 -52.08 -1.78
C ASP B 522 2.64 -51.71 -1.77
N THR B 523 3.05 -50.85 -2.69
CA THR B 523 4.44 -50.43 -2.81
C THR B 523 4.60 -49.09 -2.13
N THR B 524 4.66 -49.12 -0.81
CA THR B 524 4.78 -47.90 -0.01
C THR B 524 6.21 -47.40 -0.08
N ILE B 525 6.42 -46.24 -0.68
CA ILE B 525 7.72 -45.60 -0.71
C ILE B 525 7.71 -44.58 0.42
N ASP B 526 8.10 -45.03 1.61
CA ASP B 526 8.16 -44.19 2.78
C ASP B 526 9.42 -43.34 2.60
N ALA B 527 9.24 -42.14 2.07
CA ALA B 527 10.36 -41.27 1.77
C ALA B 527 10.86 -40.51 3.00
N THR B 528 10.23 -40.70 4.16
CA THR B 528 10.66 -40.04 5.38
C THR B 528 12.06 -40.53 5.77
N LYS B 529 12.61 -39.93 6.82
CA LYS B 529 13.95 -40.21 7.33
C LYS B 529 15.03 -39.79 6.34
N VAL B 530 14.70 -38.94 5.38
CA VAL B 530 15.68 -38.34 4.47
C VAL B 530 15.78 -36.86 4.79
N LYS B 531 16.96 -36.30 4.63
CA LYS B 531 17.24 -34.90 4.91
C LYS B 531 17.85 -34.28 3.67
N VAL B 532 17.09 -33.39 3.03
CA VAL B 532 17.57 -32.66 1.85
C VAL B 532 17.97 -31.28 2.38
N GLU B 533 19.24 -31.15 2.73
CA GLU B 533 19.73 -29.97 3.44
C GLU B 533 20.39 -29.00 2.48
N LEU B 534 20.05 -27.72 2.63
CA LEU B 534 20.77 -26.64 1.95
C LEU B 534 22.00 -26.30 2.80
N LYS B 535 23.19 -26.58 2.28
CA LYS B 535 24.41 -26.30 3.03
C LYS B 535 24.57 -24.81 3.27
N ASN B 536 24.15 -23.98 2.31
CA ASN B 536 24.20 -22.53 2.44
C ASN B 536 22.80 -22.02 2.81
N LYS B 537 22.48 -22.15 4.10
CA LYS B 537 21.21 -21.67 4.63
C LYS B 537 21.31 -20.28 5.25
N GLU B 538 22.46 -19.63 5.17
CA GLU B 538 22.65 -18.29 5.69
C GLU B 538 23.31 -17.44 4.63
N TYR B 539 22.96 -16.14 4.64
CA TYR B 539 23.47 -15.21 3.65
C TYR B 539 24.91 -14.81 4.01
N LYS B 540 25.86 -15.22 3.18
CA LYS B 540 27.27 -14.87 3.37
C LYS B 540 27.75 -13.83 2.37
N GLY B 541 26.85 -13.24 1.59
CA GLY B 541 27.27 -12.32 0.55
C GLY B 541 27.76 -11.01 1.13
N LYS B 542 28.75 -10.43 0.44
CA LYS B 542 29.31 -9.14 0.83
C LYS B 542 28.89 -8.00 -0.07
N SER B 543 28.49 -8.27 -1.30
CA SER B 543 28.01 -7.26 -2.25
C SER B 543 26.67 -7.70 -2.81
N PRO B 544 25.61 -7.64 -2.01
CA PRO B 544 24.29 -8.07 -2.49
C PRO B 544 23.77 -7.15 -3.60
N ALA B 545 22.97 -7.74 -4.48
CA ALA B 545 22.41 -6.97 -5.59
C ALA B 545 21.44 -5.90 -5.10
N ILE B 546 20.64 -6.22 -4.07
CA ILE B 546 19.63 -5.29 -3.57
C ILE B 546 19.92 -4.95 -2.11
N ASN B 547 21.21 -4.84 -1.77
CA ASN B 547 21.59 -4.52 -0.40
C ASN B 547 21.11 -3.14 0.00
N GLY B 548 21.20 -2.86 1.29
CA GLY B 548 20.83 -1.60 1.90
C GLY B 548 19.87 -1.82 3.04
N GLN B 549 19.21 -0.74 3.45
CA GLN B 549 18.17 -0.86 4.46
C GLN B 549 16.90 -1.54 3.94
N VAL B 550 16.83 -1.77 2.63
CA VAL B 550 15.71 -2.45 1.99
C VAL B 550 16.24 -3.73 1.37
N LYS B 551 17.19 -4.36 2.05
CA LYS B 551 17.80 -5.59 1.56
C LYS B 551 16.74 -6.59 1.15
N LEU B 552 16.69 -6.87 -0.17
CA LEU B 552 15.74 -7.82 -0.72
C LEU B 552 16.39 -9.10 -1.20
N SER B 553 17.66 -9.06 -1.60
CA SER B 553 18.37 -10.28 -1.94
C SER B 553 18.47 -11.20 -0.75
N GLN B 554 18.74 -10.64 0.44
CA GLN B 554 18.71 -11.44 1.66
C GLN B 554 17.30 -11.94 1.95
N SER B 555 16.29 -11.06 1.79
CA SER B 555 14.92 -11.49 1.98
C SER B 555 14.51 -12.53 0.95
N PHE B 556 14.95 -12.36 -0.29
CA PHE B 556 14.65 -13.35 -1.32
C PHE B 556 15.32 -14.68 -1.01
N PHE B 557 16.54 -14.63 -0.47
CA PHE B 557 17.24 -15.85 -0.09
C PHE B 557 16.52 -16.58 1.05
N ASN B 558 16.06 -15.82 2.04
CA ASN B 558 15.30 -16.43 3.14
C ASN B 558 14.00 -17.02 2.62
N VAL B 559 13.34 -16.33 1.70
CA VAL B 559 12.12 -16.87 1.10
C VAL B 559 12.42 -18.17 0.36
N TRP B 560 13.53 -18.20 -0.39
CA TRP B 560 13.91 -19.42 -1.10
C TRP B 560 14.18 -20.56 -0.14
N THR B 561 14.88 -20.28 0.96
CA THR B 561 15.18 -21.33 1.94
C THR B 561 13.90 -21.87 2.56
N ASN B 562 12.99 -20.98 2.96
CA ASN B 562 11.74 -21.42 3.55
C ASN B 562 10.90 -22.22 2.55
N MET B 563 10.84 -21.78 1.30
CA MET B 563 10.08 -22.51 0.30
C MET B 563 10.73 -23.85 -0.02
N PHE B 564 12.07 -23.92 0.04
CA PHE B 564 12.74 -25.19 -0.16
C PHE B 564 12.42 -26.16 0.95
N ASP B 565 12.42 -25.68 2.20
CA ASP B 565 12.02 -26.55 3.31
C ASP B 565 10.58 -27.02 3.15
N SER B 566 9.69 -26.12 2.73
CA SER B 566 8.30 -26.50 2.51
C SER B 566 8.19 -27.56 1.42
N ILE B 567 8.92 -27.39 0.32
CA ILE B 567 8.88 -28.35 -0.78
C ILE B 567 9.40 -29.72 -0.32
N THR B 568 10.54 -29.73 0.38
CA THR B 568 11.06 -30.98 0.89
C THR B 568 10.18 -31.58 1.98
N LYS B 569 9.27 -30.80 2.56
CA LYS B 569 8.32 -31.38 3.51
C LYS B 569 7.06 -31.90 2.86
N GLN B 570 6.64 -31.35 1.72
CA GLN B 570 5.40 -31.79 1.08
C GLN B 570 5.67 -32.52 -0.25
N ILE B 571 6.37 -31.89 -1.19
CA ILE B 571 6.65 -32.57 -2.47
C ILE B 571 7.57 -33.75 -2.24
N PHE B 572 8.60 -33.57 -1.42
CA PHE B 572 9.44 -34.65 -0.94
C PHE B 572 8.73 -35.34 0.22
N GLN B 573 9.49 -36.04 1.06
CA GLN B 573 9.00 -37.13 1.91
C GLN B 573 7.59 -36.91 2.41
#